data_5Z1X
#
_entry.id   5Z1X
#
_cell.length_a   85.626
_cell.length_b   88.795
_cell.length_c   147.815
_cell.angle_alpha   90.00
_cell.angle_beta   90.00
_cell.angle_gamma   90.00
#
_symmetry.space_group_name_H-M   'P 21 21 21'
#
loop_
_entity.id
_entity.type
_entity.pdbx_description
1 polymer Laccase
2 branched 2-acetamido-2-deoxy-beta-D-glucopyranose-(1-4)-2-acetamido-2-deoxy-beta-D-glucopyranose
3 non-polymer 2-acetamido-2-deoxy-beta-D-glucopyranose
4 non-polymer 'SULFATE ION'
5 non-polymer GLYCEROL
6 non-polymer 'COPPER (II) ION'
7 non-polymer 'OXYGEN MOLECULE'
8 water water
#
_entity_poly.entity_id   1
_entity_poly.type   'polypeptide(L)'
_entity_poly.pdbx_seq_one_letter_code
;AVGPVTDIHIVNKDIAPDGFSRPSVLAGGTFPGPLITGQKGDNFKLNVVDDLTDASMLKSTSIHWHGFFQKGTNWADGPA
FVNQCPISTGNSFLYNFQVPDQAGTYWYHSHLSTQYCDGLRGAFVVYDPTDPHKALYDVDDESTVITLADWYHTLARQIV
GVAIADTTLINGLGRNTNGPADAALAVINVEAGKRYRLRLVSISCDPNYVFSIDNHDFNIIEVDGVNSKPLNVDSIQIFA
GQRYSAVLNANQPVGNYWVRANPNLGTTGFTGGINSAILRYKGAPVAEPTTTQTTSTKPLQEPNLRPLVSMPVPGSATPG
GVDVVHNLILGFSAGKFTINGAAFTPPSVPVLLQILSGTTNAQDLLPSGSVITLPIGKTIELTLAAGVLGGPHPFHLHGH
NFHVVRSAGQTTPNYVDPIVRDVVNTGGTGDNVTIRFTTDNPGPWFLHCHIDWHLEAGFAVVFAEGVNQTNAANPTPADW
NNLCNIYNALADGDK
;
_entity_poly.pdbx_strand_id   A,B
#
loop_
_chem_comp.id
_chem_comp.type
_chem_comp.name
_chem_comp.formula
CU non-polymer 'COPPER (II) ION' 'Cu 2'
GOL non-polymer GLYCEROL 'C3 H8 O3'
NAG D-saccharide, beta linking 2-acetamido-2-deoxy-beta-D-glucopyranose 'C8 H15 N O6'
OXY non-polymer 'OXYGEN MOLECULE' O2
SO4 non-polymer 'SULFATE ION' 'O4 S -2'
#
# COMPACT_ATOMS: atom_id res chain seq x y z
N ALA A 1 -14.26 34.96 -15.80
CA ALA A 1 -14.23 34.81 -14.31
C ALA A 1 -15.62 34.98 -13.71
N VAL A 2 -15.78 34.53 -12.47
CA VAL A 2 -17.04 34.68 -11.74
C VAL A 2 -16.74 35.11 -10.30
N GLY A 3 -17.73 35.73 -9.65
CA GLY A 3 -17.59 36.15 -8.26
C GLY A 3 -17.48 37.66 -8.14
N PRO A 4 -17.55 38.19 -6.90
CA PRO A 4 -17.58 37.46 -5.62
C PRO A 4 -18.91 36.80 -5.26
N VAL A 5 -19.99 37.13 -5.95
CA VAL A 5 -21.31 36.55 -5.70
C VAL A 5 -21.72 35.78 -6.94
N THR A 6 -21.87 34.47 -6.82
CA THR A 6 -22.17 33.62 -7.96
C THR A 6 -22.65 32.23 -7.54
N ASP A 7 -23.44 31.60 -8.41
CA ASP A 7 -23.71 30.18 -8.32
C ASP A 7 -22.54 29.44 -8.96
N ILE A 8 -22.22 28.27 -8.42
CA ILE A 8 -21.24 27.37 -9.03
C ILE A 8 -21.89 26.00 -9.10
N HIS A 9 -22.21 25.55 -10.30
CA HIS A 9 -22.80 24.23 -10.49
C HIS A 9 -21.71 23.18 -10.55
N ILE A 10 -21.90 22.11 -9.80
CA ILE A 10 -20.99 20.97 -9.80
C ILE A 10 -21.66 19.87 -10.61
N VAL A 11 -21.04 19.50 -11.73
CA VAL A 11 -21.69 18.62 -12.71
C VAL A 11 -20.76 17.49 -13.14
N ASN A 12 -21.34 16.41 -13.65
CA ASN A 12 -20.60 15.37 -14.34
C ASN A 12 -20.53 15.68 -15.82
N LYS A 13 -19.35 15.49 -16.40
CA LYS A 13 -19.17 15.62 -17.85
C LYS A 13 -18.01 14.72 -18.28
N ASP A 14 -18.19 14.04 -19.40
CA ASP A 14 -17.09 13.30 -20.01
C ASP A 14 -16.19 14.30 -20.72
N ILE A 15 -14.90 14.28 -20.38
CA ILE A 15 -13.94 15.18 -21.02
C ILE A 15 -12.69 14.41 -21.43
N ALA A 16 -11.89 15.04 -22.29
CA ALA A 16 -10.69 14.42 -22.85
C ALA A 16 -9.58 15.45 -23.02
N PRO A 17 -9.06 16.00 -21.91
CA PRO A 17 -8.08 17.10 -21.95
C PRO A 17 -6.72 16.75 -22.57
N ASP A 18 -6.47 15.44 -22.72
CA ASP A 18 -5.27 14.94 -23.40
C ASP A 18 -5.61 13.94 -24.51
N GLY A 19 -6.88 13.91 -24.91
CA GLY A 19 -7.35 12.97 -25.94
C GLY A 19 -7.98 11.70 -25.42
N PHE A 20 -7.80 11.39 -24.14
CA PHE A 20 -8.42 10.21 -23.52
C PHE A 20 -9.71 10.65 -22.82
N SER A 21 -10.85 10.10 -23.24
CA SER A 21 -12.13 10.48 -22.66
C SER A 21 -12.37 9.74 -21.34
N ARG A 22 -12.89 10.46 -20.35
CA ARG A 22 -13.30 9.85 -19.09
C ARG A 22 -14.33 10.71 -18.38
N PRO A 23 -15.15 10.09 -17.53
CA PRO A 23 -16.06 10.88 -16.70
C PRO A 23 -15.29 11.77 -15.72
N SER A 24 -15.91 12.87 -15.33
CA SER A 24 -15.27 13.80 -14.41
C SER A 24 -16.31 14.51 -13.55
N VAL A 25 -15.81 15.17 -12.50
CA VAL A 25 -16.59 16.02 -11.60
C VAL A 25 -16.05 17.43 -11.78
N LEU A 26 -16.87 18.34 -12.29
CA LEU A 26 -16.40 19.66 -12.69
C LEU A 26 -17.22 20.80 -12.10
N ALA A 27 -16.52 21.83 -11.61
CA ALA A 27 -17.17 23.10 -11.31
C ALA A 27 -17.39 23.83 -12.64
N GLY A 28 -18.62 24.29 -12.87
CA GLY A 28 -18.96 25.02 -14.08
C GLY A 28 -18.81 24.25 -15.39
N GLY A 29 -18.70 22.93 -15.29
CA GLY A 29 -18.58 22.09 -16.47
C GLY A 29 -17.29 22.22 -17.27
N THR A 30 -16.23 22.73 -16.64
CA THR A 30 -14.93 22.85 -17.30
C THR A 30 -13.82 22.33 -16.40
N PHE A 31 -12.72 21.90 -17.01
CA PHE A 31 -11.49 21.63 -16.29
C PHE A 31 -10.36 22.53 -16.78
N PRO A 32 -9.74 23.30 -15.87
CA PRO A 32 -10.15 23.51 -14.49
C PRO A 32 -11.49 24.25 -14.45
N GLY A 33 -12.04 24.38 -13.25
CA GLY A 33 -13.27 25.14 -13.06
C GLY A 33 -13.07 26.61 -13.38
N PRO A 34 -14.16 27.39 -13.34
CA PRO A 34 -14.04 28.82 -13.60
C PRO A 34 -13.11 29.51 -12.63
N LEU A 35 -12.41 30.53 -13.11
CA LEU A 35 -11.63 31.39 -12.25
C LEU A 35 -12.59 32.19 -11.38
N ILE A 36 -12.42 32.11 -10.07
CA ILE A 36 -13.20 32.92 -9.15
C ILE A 36 -12.37 34.14 -8.80
N THR A 37 -12.98 35.33 -8.86
CA THR A 37 -12.27 36.55 -8.51
C THR A 37 -13.08 37.45 -7.61
N GLY A 38 -12.37 38.30 -6.90
CA GLY A 38 -12.94 39.38 -6.14
C GLY A 38 -11.84 40.34 -5.74
N GLN A 39 -12.20 41.30 -4.89
CA GLN A 39 -11.27 42.30 -4.39
C GLN A 39 -11.09 42.10 -2.89
N LYS A 40 -9.93 42.49 -2.37
CA LYS A 40 -9.68 42.50 -0.94
C LYS A 40 -10.83 43.22 -0.24
N GLY A 41 -11.36 42.60 0.80
CA GLY A 41 -12.48 43.17 1.55
C GLY A 41 -13.85 42.68 1.10
N ASP A 42 -13.92 41.93 0.01
CA ASP A 42 -15.21 41.43 -0.49
C ASP A 42 -15.82 40.37 0.40
N ASN A 43 -17.15 40.33 0.38
CA ASN A 43 -17.93 39.23 0.92
C ASN A 43 -18.20 38.27 -0.23
N PHE A 44 -17.58 37.10 -0.17
CA PHE A 44 -17.84 36.06 -1.14
C PHE A 44 -19.09 35.29 -0.76
N LYS A 45 -20.00 35.17 -1.72
CA LYS A 45 -21.23 34.41 -1.54
C LYS A 45 -21.25 33.42 -2.70
N LEU A 46 -20.71 32.23 -2.44
CA LEU A 46 -20.49 31.23 -3.46
C LEU A 46 -21.49 30.12 -3.22
N ASN A 47 -22.55 30.12 -4.03
CA ASN A 47 -23.64 29.19 -3.89
C ASN A 47 -23.33 27.94 -4.69
N VAL A 48 -22.92 26.88 -4.00
CA VAL A 48 -22.49 25.65 -4.63
C VAL A 48 -23.70 24.76 -4.83
N VAL A 49 -24.01 24.45 -6.09
CA VAL A 49 -25.20 23.70 -6.47
C VAL A 49 -24.73 22.32 -6.93
N ASP A 50 -25.06 21.29 -6.15
CA ASP A 50 -24.60 19.93 -6.45
C ASP A 50 -25.57 19.23 -7.41
N ASP A 51 -25.16 19.10 -8.67
CA ASP A 51 -25.95 18.42 -9.72
C ASP A 51 -25.35 17.06 -10.12
N LEU A 52 -24.53 16.48 -9.27
CA LEU A 52 -23.82 15.24 -9.61
C LEU A 52 -24.74 14.03 -9.61
N THR A 53 -24.55 13.15 -10.59
CA THR A 53 -25.36 11.94 -10.71
C THR A 53 -24.54 10.64 -10.74
N ASP A 54 -23.22 10.75 -10.87
CA ASP A 54 -22.37 9.57 -11.06
C ASP A 54 -21.76 9.10 -9.73
N ALA A 55 -22.31 8.02 -9.19
CA ALA A 55 -21.84 7.48 -7.91
C ALA A 55 -20.36 7.08 -7.90
N SER A 56 -19.79 6.78 -9.07
CA SER A 56 -18.41 6.31 -9.14
C SER A 56 -17.38 7.36 -8.74
N MET A 57 -17.80 8.63 -8.72
CA MET A 57 -16.94 9.75 -8.28
C MET A 57 -17.56 10.53 -7.12
N LEU A 58 -18.58 9.92 -6.49
CA LEU A 58 -19.41 10.49 -5.42
C LEU A 58 -20.40 11.54 -5.93
N LYS A 59 -21.66 11.40 -5.53
CA LYS A 59 -22.70 12.37 -5.89
C LYS A 59 -22.69 13.55 -4.92
N SER A 60 -22.11 13.36 -3.73
CA SER A 60 -21.98 14.44 -2.76
C SER A 60 -20.73 15.24 -3.05
N THR A 61 -20.61 16.41 -2.44
CA THR A 61 -19.43 17.24 -2.64
C THR A 61 -19.26 18.25 -1.51
N SER A 62 -18.08 18.83 -1.43
CA SER A 62 -17.80 19.90 -0.49
C SER A 62 -16.60 20.65 -1.04
N ILE A 63 -16.59 21.97 -0.92
CA ILE A 63 -15.55 22.79 -1.54
C ILE A 63 -14.75 23.55 -0.49
N HIS A 64 -13.43 23.47 -0.61
CA HIS A 64 -12.51 24.23 0.22
C HIS A 64 -11.91 25.36 -0.61
N TRP A 65 -11.80 26.52 0.02
CA TRP A 65 -11.27 27.74 -0.61
C TRP A 65 -9.88 27.88 -0.03
N HIS A 66 -8.91 27.38 -0.77
CA HIS A 66 -7.58 27.13 -0.25
C HIS A 66 -6.81 28.40 0.03
N GLY A 67 -6.44 28.59 1.30
CA GLY A 67 -5.60 29.68 1.74
C GLY A 67 -6.32 30.76 2.52
N PHE A 68 -7.65 30.73 2.51
CA PHE A 68 -8.42 31.76 3.21
C PHE A 68 -8.56 31.40 4.69
N PHE A 69 -8.37 32.38 5.56
CA PHE A 69 -8.33 32.11 7.00
C PHE A 69 -9.69 31.65 7.54
N GLN A 70 -10.77 32.12 6.93
CA GLN A 70 -12.13 31.79 7.37
C GLN A 70 -12.38 32.12 8.83
N LYS A 71 -11.83 33.23 9.30
CA LYS A 71 -11.99 33.63 10.69
C LYS A 71 -13.45 33.94 10.97
N GLY A 72 -14.02 33.22 11.92
CA GLY A 72 -15.44 33.36 12.24
C GLY A 72 -16.40 32.65 11.30
N THR A 73 -15.85 32.00 10.28
CA THR A 73 -16.64 31.21 9.31
C THR A 73 -16.00 29.84 9.11
N ASN A 74 -15.60 29.20 10.20
CA ASN A 74 -14.97 27.89 10.15
C ASN A 74 -15.86 26.87 9.45
N TRP A 75 -17.18 27.03 9.60
CA TRP A 75 -18.18 26.19 8.95
C TRP A 75 -18.13 26.21 7.42
N ALA A 76 -17.49 27.23 6.85
CA ALA A 76 -17.38 27.40 5.40
C ALA A 76 -16.06 26.90 4.82
N ASP A 77 -15.21 26.29 5.64
CA ASP A 77 -13.86 25.96 5.18
C ASP A 77 -13.83 24.82 4.16
N GLY A 78 -14.72 23.84 4.29
CA GLY A 78 -14.87 22.82 3.26
C GLY A 78 -14.60 21.36 3.63
N PRO A 79 -13.55 21.09 4.42
CA PRO A 79 -13.22 19.68 4.66
C PRO A 79 -14.37 18.83 5.20
N ALA A 80 -14.71 17.78 4.46
CA ALA A 80 -15.81 16.91 4.84
C ALA A 80 -15.49 16.22 6.16
N PHE A 81 -16.44 16.26 7.08
CA PHE A 81 -16.35 15.63 8.40
C PHE A 81 -15.36 16.28 9.36
N VAL A 82 -14.81 17.43 8.96
CA VAL A 82 -14.10 18.31 9.88
C VAL A 82 -14.92 19.59 10.05
N ASN A 83 -15.26 20.24 8.94
CA ASN A 83 -15.96 21.52 8.98
C ASN A 83 -17.41 21.49 8.51
N GLN A 84 -17.80 20.43 7.81
CA GLN A 84 -19.19 20.25 7.39
C GLN A 84 -19.45 18.81 7.00
N CYS A 85 -20.71 18.42 6.98
CA CYS A 85 -21.11 17.24 6.23
C CYS A 85 -21.16 17.63 4.76
N PRO A 86 -20.95 16.68 3.86
CA PRO A 86 -21.02 17.02 2.44
C PRO A 86 -22.37 17.58 2.01
N ILE A 87 -22.34 18.40 0.96
CA ILE A 87 -23.54 18.79 0.23
C ILE A 87 -24.04 17.53 -0.48
N SER A 88 -25.36 17.33 -0.48
CA SER A 88 -25.96 16.17 -1.12
C SER A 88 -26.49 16.55 -2.51
N THR A 89 -26.49 15.59 -3.42
CA THR A 89 -26.93 15.87 -4.78
C THR A 89 -28.38 16.37 -4.80
N GLY A 90 -28.66 17.31 -5.69
CA GLY A 90 -29.97 17.94 -5.78
C GLY A 90 -30.17 19.05 -4.76
N ASN A 91 -29.12 19.36 -3.99
CA ASN A 91 -29.16 20.43 -3.00
C ASN A 91 -28.08 21.48 -3.29
N SER A 92 -28.25 22.65 -2.69
CA SER A 92 -27.28 23.72 -2.75
C SER A 92 -26.82 24.11 -1.36
N PHE A 93 -25.66 24.75 -1.28
CA PHE A 93 -25.11 25.22 -0.02
C PHE A 93 -24.32 26.50 -0.26
N LEU A 94 -24.62 27.54 0.52
CA LEU A 94 -24.00 28.84 0.34
C LEU A 94 -22.78 29.03 1.23
N TYR A 95 -21.61 29.12 0.60
CA TYR A 95 -20.40 29.48 1.30
C TYR A 95 -20.35 31.02 1.33
N ASN A 96 -20.46 31.57 2.53
CA ASN A 96 -20.67 32.99 2.76
C ASN A 96 -19.57 33.45 3.70
N PHE A 97 -18.53 34.06 3.14
CA PHE A 97 -17.38 34.45 3.93
C PHE A 97 -16.75 35.74 3.46
N GLN A 98 -15.89 36.29 4.28
CA GLN A 98 -15.23 37.55 3.99
C GLN A 98 -13.73 37.34 3.93
N VAL A 99 -13.08 38.21 3.17
CA VAL A 99 -11.63 38.21 3.02
C VAL A 99 -11.16 39.65 3.27
N PRO A 100 -11.17 40.09 4.54
CA PRO A 100 -10.84 41.49 4.85
C PRO A 100 -9.35 41.83 4.78
N ASP A 101 -8.50 40.81 4.97
CA ASP A 101 -7.07 41.01 5.26
C ASP A 101 -6.16 40.15 4.37
N GLN A 102 -6.69 39.66 3.26
CA GLN A 102 -5.93 38.85 2.34
C GLN A 102 -6.14 39.31 0.91
N ALA A 103 -5.09 39.17 0.12
CA ALA A 103 -5.14 39.40 -1.32
C ALA A 103 -4.01 38.60 -1.93
N GLY A 104 -4.23 38.07 -3.11
CA GLY A 104 -3.23 37.24 -3.75
C GLY A 104 -3.85 36.13 -4.56
N THR A 105 -3.08 35.06 -4.72
CA THR A 105 -3.41 33.96 -5.59
C THR A 105 -3.73 32.73 -4.77
N TYR A 106 -4.96 32.22 -4.95
CA TYR A 106 -5.51 31.12 -4.18
C TYR A 106 -6.10 30.11 -5.15
N TRP A 107 -6.78 29.10 -4.63
CA TRP A 107 -7.51 28.15 -5.47
C TRP A 107 -8.61 27.51 -4.68
N TYR A 108 -9.41 26.69 -5.34
CA TYR A 108 -10.50 25.98 -4.68
C TYR A 108 -10.55 24.57 -5.21
N HIS A 109 -11.05 23.66 -4.40
CA HIS A 109 -11.11 22.27 -4.78
C HIS A 109 -12.05 21.49 -3.89
N SER A 110 -12.55 20.38 -4.40
CA SER A 110 -13.32 19.49 -3.56
C SER A 110 -12.47 19.11 -2.35
N HIS A 111 -13.12 18.97 -1.21
CA HIS A 111 -12.46 18.48 -0.01
C HIS A 111 -13.28 17.33 0.58
N LEU A 112 -13.82 16.51 -0.32
CA LEU A 112 -14.47 15.26 0.03
C LEU A 112 -13.67 14.12 -0.61
N SER A 113 -13.09 13.26 0.24
CA SER A 113 -12.29 12.13 -0.20
C SER A 113 -11.28 12.59 -1.27
N THR A 114 -11.13 11.82 -2.35
CA THR A 114 -10.19 12.14 -3.42
C THR A 114 -10.88 12.78 -4.63
N GLN A 115 -12.05 13.36 -4.41
CA GLN A 115 -12.87 13.88 -5.50
C GLN A 115 -12.23 15.01 -6.30
N TYR A 116 -11.36 15.82 -5.69
CA TYR A 116 -10.77 16.89 -6.50
C TYR A 116 -9.87 16.36 -7.61
N CYS A 117 -9.31 15.19 -7.42
CA CYS A 117 -8.52 14.55 -8.47
C CYS A 117 -9.40 14.25 -9.69
N ASP A 118 -10.67 13.93 -9.45
CA ASP A 118 -11.62 13.66 -10.53
C ASP A 118 -12.12 14.92 -11.26
N GLY A 119 -11.65 16.09 -10.85
CA GLY A 119 -11.77 17.30 -11.68
C GLY A 119 -12.20 18.59 -11.02
N LEU A 120 -12.65 18.52 -9.78
CA LEU A 120 -13.24 19.69 -9.11
C LEU A 120 -12.12 20.54 -8.50
N ARG A 121 -11.55 21.41 -9.32
CA ARG A 121 -10.47 22.30 -8.90
C ARG A 121 -10.40 23.47 -9.85
N GLY A 122 -10.07 24.63 -9.31
CA GLY A 122 -9.90 25.85 -10.10
C GLY A 122 -9.14 26.92 -9.33
N ALA A 123 -8.83 28.01 -10.00
CA ALA A 123 -8.08 29.11 -9.41
C ALA A 123 -9.01 30.17 -8.80
N PHE A 124 -8.45 30.95 -7.89
CA PHE A 124 -9.22 31.94 -7.13
C PHE A 124 -8.28 33.10 -6.85
N VAL A 125 -8.55 34.26 -7.44
CA VAL A 125 -7.67 35.42 -7.32
C VAL A 125 -8.40 36.56 -6.63
N VAL A 126 -7.75 37.12 -5.60
CA VAL A 126 -8.27 38.27 -4.89
C VAL A 126 -7.34 39.44 -5.16
N TYR A 127 -7.83 40.41 -5.93
CA TYR A 127 -7.01 41.55 -6.32
C TYR A 127 -6.94 42.59 -5.20
N ASP A 128 -5.83 43.31 -5.14
CA ASP A 128 -5.62 44.37 -4.17
C ASP A 128 -5.61 45.70 -4.93
N PRO A 129 -6.60 46.57 -4.68
CA PRO A 129 -6.60 47.84 -5.43
C PRO A 129 -5.39 48.74 -5.16
N THR A 130 -4.74 48.57 -4.00
CA THR A 130 -3.50 49.29 -3.69
C THR A 130 -2.30 48.34 -3.61
N ASP A 131 -2.32 47.30 -4.44
CA ASP A 131 -1.24 46.31 -4.47
C ASP A 131 0.12 47.03 -4.52
N PRO A 132 1.00 46.76 -3.54
CA PRO A 132 2.28 47.48 -3.53
C PRO A 132 3.18 47.12 -4.72
N HIS A 133 2.91 45.99 -5.37
CA HIS A 133 3.69 45.54 -6.51
C HIS A 133 3.12 45.95 -7.86
N LYS A 134 2.01 46.69 -7.89
CA LYS A 134 1.28 46.90 -9.15
C LYS A 134 2.10 47.54 -10.26
N ALA A 135 3.02 48.43 -9.90
CA ALA A 135 3.85 49.12 -10.90
C ALA A 135 4.96 48.24 -11.49
N LEU A 136 5.10 47.01 -10.98
CA LEU A 136 6.08 46.07 -11.51
C LEU A 136 5.60 45.29 -12.74
N TYR A 137 4.35 45.47 -13.13
CA TYR A 137 3.82 44.77 -14.31
C TYR A 137 2.72 45.58 -14.99
N ASP A 138 2.44 45.20 -16.24
CA ASP A 138 1.44 45.89 -17.05
C ASP A 138 0.13 45.11 -17.15
N VAL A 139 0.21 43.79 -17.13
CA VAL A 139 -0.94 42.93 -17.37
C VAL A 139 -1.09 41.92 -16.24
N ASP A 140 -2.30 41.87 -15.68
CA ASP A 140 -2.66 40.95 -14.62
C ASP A 140 -4.15 40.68 -14.75
N ASP A 141 -4.49 39.56 -15.37
CA ASP A 141 -5.89 39.24 -15.62
C ASP A 141 -6.06 37.74 -15.80
N GLU A 142 -7.23 37.30 -16.25
CA GLU A 142 -7.49 35.87 -16.37
C GLU A 142 -6.47 35.18 -17.30
N SER A 143 -5.98 35.92 -18.30
CA SER A 143 -5.02 35.39 -19.27
C SER A 143 -3.62 35.16 -18.69
N THR A 144 -3.33 35.68 -17.51
CA THR A 144 -2.01 35.49 -16.88
C THR A 144 -2.04 34.47 -15.73
N VAL A 145 -3.20 33.87 -15.48
CA VAL A 145 -3.28 32.76 -14.54
C VAL A 145 -2.81 31.49 -15.25
N ILE A 146 -1.90 30.76 -14.62
CA ILE A 146 -1.41 29.49 -15.17
C ILE A 146 -1.63 28.40 -14.12
N THR A 147 -2.52 27.46 -14.41
CA THR A 147 -2.72 26.31 -13.55
C THR A 147 -1.90 25.13 -14.03
N LEU A 148 -1.29 24.43 -13.07
CA LEU A 148 -0.56 23.19 -13.32
C LEU A 148 -1.32 22.06 -12.64
N ALA A 149 -1.71 21.05 -13.42
CA ALA A 149 -2.57 19.98 -12.94
C ALA A 149 -2.06 18.62 -13.37
N ASP A 150 -2.17 17.66 -12.47
CA ASP A 150 -2.01 16.25 -12.82
C ASP A 150 -3.35 15.69 -13.26
N TRP A 151 -3.31 14.78 -14.22
CA TRP A 151 -4.51 14.18 -14.76
C TRP A 151 -4.34 12.68 -14.87
N TYR A 152 -5.39 11.96 -14.48
CA TYR A 152 -5.39 10.51 -14.38
C TYR A 152 -6.41 9.94 -15.35
N HIS A 153 -6.02 8.89 -16.07
CA HIS A 153 -6.96 8.20 -16.94
C HIS A 153 -7.90 7.28 -16.16
N THR A 154 -7.47 6.86 -14.97
CA THR A 154 -8.27 6.03 -14.09
C THR A 154 -8.99 6.91 -13.07
N LEU A 155 -10.26 6.65 -12.83
CA LEU A 155 -11.04 7.37 -11.83
C LEU A 155 -10.42 7.20 -10.45
N ALA A 156 -10.48 8.25 -9.64
CA ALA A 156 -9.80 8.27 -8.35
C ALA A 156 -10.15 7.08 -7.47
N ARG A 157 -11.43 6.72 -7.45
CA ARG A 157 -11.91 5.64 -6.59
C ARG A 157 -11.69 4.25 -7.19
N GLN A 158 -11.16 4.20 -8.42
CA GLN A 158 -10.84 2.94 -9.08
C GLN A 158 -9.34 2.69 -9.19
N ILE A 159 -8.53 3.59 -8.63
CA ILE A 159 -7.07 3.42 -8.60
C ILE A 159 -6.73 2.20 -7.76
N VAL A 160 -5.89 1.33 -8.31
CA VAL A 160 -5.37 0.17 -7.58
C VAL A 160 -3.91 0.44 -7.25
N GLY A 161 -3.58 0.41 -5.95
CA GLY A 161 -2.22 0.67 -5.49
C GLY A 161 -1.86 2.15 -5.55
N VAL A 162 -0.61 2.43 -5.90
CA VAL A 162 -0.10 3.80 -5.89
C VAL A 162 -0.54 4.55 -7.16
N ALA A 163 -1.19 5.69 -6.97
CA ALA A 163 -1.63 6.52 -8.09
C ALA A 163 -0.41 7.18 -8.75
N ILE A 164 -0.37 7.15 -10.08
CA ILE A 164 0.67 7.82 -10.84
C ILE A 164 0.00 8.64 -11.93
N ALA A 165 0.19 9.95 -11.89
CA ALA A 165 -0.42 10.84 -12.88
C ALA A 165 -0.04 10.43 -14.29
N ASP A 166 -1.01 10.46 -15.19
CA ASP A 166 -0.79 10.12 -16.59
C ASP A 166 -0.30 11.31 -17.41
N THR A 167 -0.84 12.50 -17.15
CA THR A 167 -0.60 13.65 -17.99
C THR A 167 -0.56 14.94 -17.18
N THR A 168 0.37 15.83 -17.54
CA THR A 168 0.41 17.19 -17.02
C THR A 168 -0.45 18.08 -17.90
N LEU A 169 -1.40 18.79 -17.27
CA LEU A 169 -2.23 19.76 -17.95
C LEU A 169 -1.88 21.16 -17.48
N ILE A 170 -1.61 22.04 -18.44
CA ILE A 170 -1.34 23.44 -18.17
C ILE A 170 -2.55 24.19 -18.71
N ASN A 171 -3.21 24.96 -17.85
CA ASN A 171 -4.47 25.61 -18.23
C ASN A 171 -5.43 24.60 -18.89
N GLY A 172 -5.47 23.41 -18.31
CA GLY A 172 -6.40 22.37 -18.73
C GLY A 172 -6.03 21.57 -19.96
N LEU A 173 -4.87 21.83 -20.56
CA LEU A 173 -4.48 21.19 -21.82
C LEU A 173 -3.10 20.57 -21.71
N GLY A 174 -2.91 19.42 -22.34
CA GLY A 174 -1.60 18.82 -22.40
C GLY A 174 -1.61 17.54 -23.19
N ARG A 175 -0.42 17.10 -23.58
CA ARG A 175 -0.26 15.86 -24.34
C ARG A 175 0.20 14.73 -23.45
N ASN A 176 -0.35 13.55 -23.70
CA ASN A 176 0.06 12.33 -23.03
C ASN A 176 1.13 11.62 -23.84
N THR A 177 2.10 11.02 -23.17
CA THR A 177 3.21 10.36 -23.84
C THR A 177 2.76 9.25 -24.80
N ASN A 178 1.62 8.61 -24.51
CA ASN A 178 1.03 7.57 -25.37
C ASN A 178 -0.29 8.00 -25.99
N GLY A 179 -0.49 9.31 -26.11
CA GLY A 179 -1.74 9.85 -26.62
C GLY A 179 -1.60 10.54 -27.95
N PRO A 180 -2.70 11.04 -28.50
CA PRO A 180 -2.68 11.83 -29.73
C PRO A 180 -1.66 12.98 -29.64
N ALA A 181 -0.77 13.07 -30.63
CA ALA A 181 0.26 14.11 -30.66
C ALA A 181 -0.29 15.42 -31.17
N ASP A 182 -1.50 15.36 -31.74
CA ASP A 182 -2.20 16.56 -32.20
C ASP A 182 -3.18 17.07 -31.13
N ALA A 183 -3.11 16.51 -29.93
CA ALA A 183 -3.84 17.06 -28.79
C ALA A 183 -3.37 18.49 -28.54
N ALA A 184 -4.32 19.38 -28.27
CA ALA A 184 -4.06 20.82 -28.19
C ALA A 184 -3.15 21.17 -27.02
N LEU A 185 -2.25 22.13 -27.25
CA LEU A 185 -1.41 22.69 -26.19
C LEU A 185 -1.95 24.06 -25.79
N ALA A 186 -1.81 24.38 -24.51
CA ALA A 186 -2.20 25.70 -24.01
C ALA A 186 -1.25 26.77 -24.53
N VAL A 187 -1.81 27.94 -24.82
CA VAL A 187 -1.03 29.08 -25.30
C VAL A 187 -1.21 30.24 -24.32
N ILE A 188 -0.09 30.82 -23.89
CA ILE A 188 -0.06 32.03 -23.09
C ILE A 188 0.36 33.16 -24.01
N ASN A 189 -0.50 34.15 -24.18
CA ASN A 189 -0.26 35.23 -25.13
C ASN A 189 0.38 36.45 -24.48
N VAL A 190 1.48 36.92 -25.07
CA VAL A 190 2.15 38.14 -24.61
C VAL A 190 2.48 39.03 -25.80
N GLU A 191 2.84 40.27 -25.50
CA GLU A 191 3.27 41.24 -26.49
C GLU A 191 4.64 41.76 -26.06
N ALA A 192 5.57 41.82 -27.02
CA ALA A 192 6.92 42.32 -26.76
C ALA A 192 6.91 43.63 -26.00
N GLY A 193 7.71 43.70 -24.94
CA GLY A 193 7.91 44.93 -24.18
C GLY A 193 7.00 45.09 -22.98
N LYS A 194 5.99 44.24 -22.86
CA LYS A 194 5.06 44.30 -21.72
C LYS A 194 5.48 43.31 -20.64
N ARG A 195 5.03 43.59 -19.41
CA ARG A 195 5.36 42.77 -18.25
C ARG A 195 4.08 42.16 -17.69
N TYR A 196 4.16 40.89 -17.32
CA TYR A 196 2.99 40.08 -16.99
C TYR A 196 3.11 39.50 -15.59
N ARG A 197 2.09 39.67 -14.78
CA ARG A 197 2.03 38.99 -13.49
C ARG A 197 1.49 37.59 -13.72
N LEU A 198 2.39 36.63 -13.89
CA LEU A 198 1.97 35.24 -14.05
C LEU A 198 1.59 34.70 -12.68
N ARG A 199 0.32 34.32 -12.53
CA ARG A 199 -0.16 33.76 -11.29
C ARG A 199 -0.15 32.25 -11.46
N LEU A 200 0.91 31.64 -10.94
CA LEU A 200 1.19 30.22 -11.10
C LEU A 200 0.54 29.46 -9.95
N VAL A 201 -0.37 28.56 -10.30
CA VAL A 201 -1.19 27.86 -9.32
C VAL A 201 -1.03 26.36 -9.51
N SER A 202 -0.50 25.67 -8.52
CA SER A 202 -0.55 24.22 -8.54
C SER A 202 -1.91 23.76 -8.03
N ILE A 203 -2.67 23.11 -8.92
CA ILE A 203 -3.90 22.44 -8.53
C ILE A 203 -3.70 20.92 -8.55
N SER A 204 -2.47 20.51 -8.25
CA SER A 204 -2.07 19.12 -8.29
C SER A 204 -2.65 18.31 -7.14
N CYS A 205 -3.04 17.07 -7.45
CA CYS A 205 -3.35 16.06 -6.44
C CYS A 205 -2.12 15.34 -5.90
N ASP A 206 -0.96 15.51 -6.54
CA ASP A 206 0.21 14.74 -6.13
C ASP A 206 1.55 15.35 -6.60
N PRO A 207 1.89 15.27 -7.89
CA PRO A 207 3.24 15.69 -8.24
C PRO A 207 3.56 17.16 -8.01
N ASN A 208 4.82 17.43 -7.74
CA ASN A 208 5.38 18.76 -7.85
C ASN A 208 5.93 18.96 -9.27
N TYR A 209 6.01 20.22 -9.69
CA TYR A 209 6.46 20.57 -11.04
C TYR A 209 7.61 21.55 -11.00
N VAL A 210 8.62 21.31 -11.81
CA VAL A 210 9.65 22.32 -12.04
C VAL A 210 9.19 23.13 -13.25
N PHE A 211 8.86 24.39 -13.00
CA PHE A 211 8.29 25.29 -13.99
C PHE A 211 9.36 26.23 -14.53
N SER A 212 9.41 26.35 -15.85
CA SER A 212 10.32 27.28 -16.51
C SER A 212 9.76 27.69 -17.86
N ILE A 213 10.29 28.78 -18.41
CA ILE A 213 9.94 29.22 -19.76
C ILE A 213 11.24 29.49 -20.50
N ASP A 214 11.43 28.81 -21.64
CA ASP A 214 12.68 28.92 -22.39
C ASP A 214 13.02 30.38 -22.65
N ASN A 215 14.29 30.72 -22.38
CA ASN A 215 14.86 32.05 -22.65
C ASN A 215 14.30 33.20 -21.83
N HIS A 216 13.46 32.88 -20.83
CA HIS A 216 12.88 33.90 -19.97
C HIS A 216 13.20 33.60 -18.51
N ASP A 217 13.08 34.63 -17.68
CA ASP A 217 13.18 34.44 -16.24
C ASP A 217 12.07 35.23 -15.55
N PHE A 218 12.11 35.28 -14.22
CA PHE A 218 10.99 35.82 -13.45
C PHE A 218 11.48 36.58 -12.23
N ASN A 219 10.64 37.47 -11.73
CA ASN A 219 10.76 37.94 -10.36
C ASN A 219 9.54 37.48 -9.57
N ILE A 220 9.77 36.66 -8.56
CA ILE A 220 8.71 36.22 -7.68
C ILE A 220 8.32 37.37 -6.75
N ILE A 221 7.03 37.70 -6.71
CA ILE A 221 6.52 38.81 -5.89
C ILE A 221 5.46 38.39 -4.87
N GLU A 222 5.04 37.13 -4.91
CA GLU A 222 4.00 36.64 -4.02
C GLU A 222 4.17 35.14 -3.85
N VAL A 223 3.94 34.68 -2.62
CA VAL A 223 4.10 33.28 -2.23
C VAL A 223 2.86 32.87 -1.45
N ASP A 224 2.05 31.95 -2.00
CA ASP A 224 0.84 31.48 -1.31
C ASP A 224 0.01 32.62 -0.68
N GLY A 225 -0.20 33.70 -1.44
CA GLY A 225 -0.98 34.85 -0.97
C GLY A 225 -0.21 35.94 -0.25
N VAL A 226 1.05 35.68 0.10
CA VAL A 226 1.85 36.62 0.89
C VAL A 226 2.81 37.37 -0.03
N ASN A 227 2.75 38.69 0.00
CA ASN A 227 3.66 39.51 -0.80
C ASN A 227 5.09 39.28 -0.38
N SER A 228 5.97 39.09 -1.36
CA SER A 228 7.39 38.88 -1.10
C SER A 228 8.21 40.04 -1.65
N LYS A 229 9.42 40.20 -1.14
CA LYS A 229 10.42 40.99 -1.84
C LYS A 229 10.61 40.34 -3.21
N PRO A 230 10.80 41.15 -4.27
CA PRO A 230 11.02 40.52 -5.57
C PRO A 230 12.28 39.64 -5.57
N LEU A 231 12.14 38.39 -6.01
CA LEU A 231 13.26 37.45 -6.06
C LEU A 231 13.43 36.94 -7.48
N ASN A 232 14.61 37.17 -8.05
CA ASN A 232 14.89 36.79 -9.42
C ASN A 232 15.23 35.30 -9.51
N VAL A 233 14.46 34.56 -10.29
CA VAL A 233 14.68 33.13 -10.49
C VAL A 233 14.45 32.77 -11.95
N ASP A 234 15.02 31.64 -12.38
CA ASP A 234 14.77 31.16 -13.74
C ASP A 234 14.14 29.77 -13.81
N SER A 235 13.83 29.19 -12.65
CA SER A 235 13.02 27.99 -12.57
C SER A 235 12.36 27.95 -11.20
N ILE A 236 11.19 27.34 -11.13
CA ILE A 236 10.36 27.35 -9.92
C ILE A 236 9.80 25.95 -9.68
N GLN A 237 10.26 25.29 -8.63
CA GLN A 237 9.67 24.01 -8.23
C GLN A 237 8.44 24.33 -7.37
N ILE A 238 7.28 23.85 -7.80
CA ILE A 238 6.01 24.19 -7.17
C ILE A 238 5.31 22.91 -6.71
N PHE A 239 5.06 22.83 -5.41
CA PHE A 239 4.46 21.63 -4.81
C PHE A 239 2.95 21.76 -4.75
N ALA A 240 2.28 20.64 -4.51
CA ALA A 240 0.83 20.57 -4.59
C ALA A 240 0.15 21.65 -3.75
N GLY A 241 -0.60 22.52 -4.40
CA GLY A 241 -1.37 23.56 -3.71
C GLY A 241 -0.65 24.86 -3.44
N GLN A 242 0.62 24.95 -3.81
CA GLN A 242 1.38 26.22 -3.71
C GLN A 242 1.02 27.17 -4.84
N ARG A 243 1.24 28.45 -4.59
CA ARG A 243 1.06 29.50 -5.61
C ARG A 243 2.22 30.49 -5.56
N TYR A 244 2.59 30.99 -6.73
CA TYR A 244 3.52 32.09 -6.85
C TYR A 244 3.00 33.09 -7.86
N SER A 245 3.22 34.38 -7.59
CA SER A 245 3.16 35.36 -8.68
C SER A 245 4.58 35.59 -9.15
N ALA A 246 4.79 35.40 -10.46
CA ALA A 246 6.09 35.50 -11.09
C ALA A 246 5.95 36.52 -12.22
N VAL A 247 6.62 37.65 -12.08
CA VAL A 247 6.56 38.68 -13.11
C VAL A 247 7.48 38.28 -14.25
N LEU A 248 6.92 38.22 -15.45
CA LEU A 248 7.65 37.92 -16.66
C LEU A 248 7.68 39.16 -17.55
N ASN A 249 8.89 39.54 -17.97
CA ASN A 249 9.11 40.59 -18.93
C ASN A 249 9.21 39.94 -20.29
N ALA A 250 8.33 40.31 -21.22
CA ALA A 250 8.36 39.78 -22.58
C ALA A 250 9.45 40.51 -23.37
N ASN A 251 10.70 40.20 -23.02
CA ASN A 251 11.89 40.92 -23.49
C ASN A 251 12.76 40.16 -24.49
N GLN A 252 12.22 39.05 -25.01
CA GLN A 252 12.93 38.23 -25.98
C GLN A 252 12.38 38.50 -27.39
N PRO A 253 13.09 38.05 -28.43
CA PRO A 253 12.57 38.28 -29.78
C PRO A 253 11.19 37.67 -30.00
N VAL A 254 10.35 38.34 -30.79
CA VAL A 254 9.02 37.83 -31.10
C VAL A 254 9.13 36.40 -31.61
N GLY A 255 8.41 35.49 -30.95
CA GLY A 255 8.43 34.08 -31.32
C GLY A 255 7.62 33.22 -30.37
N ASN A 256 7.80 31.91 -30.50
CA ASN A 256 7.18 30.94 -29.61
C ASN A 256 8.23 30.33 -28.71
N TYR A 257 7.92 30.23 -27.43
CA TYR A 257 8.86 29.70 -26.43
C TYR A 257 8.16 28.62 -25.62
N TRP A 258 8.84 27.51 -25.38
CA TRP A 258 8.23 26.44 -24.58
C TRP A 258 8.06 26.89 -23.13
N VAL A 259 6.85 26.64 -22.61
CA VAL A 259 6.55 26.69 -21.19
C VAL A 259 6.63 25.25 -20.71
N ARG A 260 7.43 25.00 -19.68
CA ARG A 260 7.75 23.65 -19.24
C ARG A 260 7.31 23.44 -17.79
N ALA A 261 6.67 22.30 -17.53
CA ALA A 261 6.28 21.93 -16.18
C ALA A 261 6.61 20.45 -15.99
N ASN A 262 7.78 20.18 -15.42
CA ASN A 262 8.31 18.83 -15.35
C ASN A 262 7.89 18.18 -14.03
N PRO A 263 7.09 17.11 -14.08
CA PRO A 263 6.65 16.46 -12.85
C PRO A 263 7.77 15.61 -12.23
N ASN A 264 7.63 15.30 -10.96
CA ASN A 264 8.60 14.45 -10.24
C ASN A 264 8.29 12.96 -10.36
N LEU A 265 7.14 12.63 -10.95
CA LEU A 265 6.72 11.25 -11.13
C LEU A 265 5.91 11.15 -12.41
N GLY A 266 5.61 9.91 -12.80
CA GLY A 266 5.03 9.66 -14.12
C GLY A 266 6.07 9.92 -15.19
N THR A 267 5.62 10.20 -16.40
CA THR A 267 6.52 10.43 -17.52
C THR A 267 7.10 11.83 -17.42
N THR A 268 8.42 11.91 -17.30
CA THR A 268 9.12 13.18 -17.18
C THR A 268 9.68 13.63 -18.51
N GLY A 269 10.21 14.84 -18.56
CA GLY A 269 10.79 15.38 -19.78
C GLY A 269 9.72 15.89 -20.74
N PHE A 270 10.13 16.12 -21.99
CA PHE A 270 9.32 16.92 -22.91
C PHE A 270 9.21 16.35 -24.33
N THR A 271 9.53 15.06 -24.49
CA THR A 271 9.46 14.43 -25.80
C THR A 271 8.03 14.51 -26.34
N GLY A 272 7.91 14.95 -27.60
CA GLY A 272 6.60 15.08 -28.24
C GLY A 272 5.75 16.22 -27.71
N GLY A 273 6.36 17.10 -26.92
CA GLY A 273 5.64 18.23 -26.34
C GLY A 273 4.78 17.90 -25.13
N ILE A 274 5.06 16.78 -24.46
CA ILE A 274 4.40 16.50 -23.17
C ILE A 274 4.95 17.48 -22.13
N ASN A 275 4.21 17.65 -21.04
CA ASN A 275 4.65 18.50 -19.92
C ASN A 275 4.97 19.92 -20.35
N SER A 276 4.24 20.40 -21.37
CA SER A 276 4.54 21.65 -22.04
C SER A 276 3.32 22.47 -22.43
N ALA A 277 3.53 23.77 -22.53
CA ALA A 277 2.60 24.71 -23.14
C ALA A 277 3.44 25.70 -23.95
N ILE A 278 2.80 26.73 -24.50
CA ILE A 278 3.46 27.65 -25.43
C ILE A 278 3.30 29.09 -24.96
N LEU A 279 4.42 29.82 -24.88
CA LEU A 279 4.40 31.26 -24.72
C LEU A 279 4.53 31.86 -26.11
N ARG A 280 3.49 32.54 -26.57
CA ARG A 280 3.46 33.10 -27.93
C ARG A 280 3.42 34.61 -27.91
N TYR A 281 4.41 35.24 -28.52
CA TYR A 281 4.42 36.68 -28.72
C TYR A 281 3.50 37.04 -29.88
N LYS A 282 2.76 38.13 -29.73
CA LYS A 282 1.96 38.68 -30.81
C LYS A 282 2.86 38.90 -32.02
N GLY A 283 2.45 38.37 -33.17
CA GLY A 283 3.23 38.47 -34.39
C GLY A 283 4.01 37.21 -34.74
N ALA A 284 4.12 36.28 -33.78
CA ALA A 284 4.79 35.01 -34.03
C ALA A 284 3.89 34.09 -34.85
N PRO A 285 4.49 33.16 -35.61
CA PRO A 285 3.66 32.16 -36.28
C PRO A 285 2.88 31.30 -35.28
N VAL A 286 1.70 30.85 -35.68
CA VAL A 286 0.95 29.89 -34.89
C VAL A 286 1.59 28.53 -35.13
N ALA A 287 2.49 28.15 -34.23
CA ALA A 287 3.27 26.93 -34.35
C ALA A 287 3.86 26.57 -33.00
N GLU A 288 4.38 25.35 -32.90
CA GLU A 288 5.10 24.93 -31.70
C GLU A 288 6.45 25.62 -31.63
N PRO A 289 6.94 25.88 -30.40
CA PRO A 289 8.29 26.41 -30.24
C PRO A 289 9.35 25.42 -30.71
N THR A 290 10.53 25.96 -31.05
CA THR A 290 11.72 25.16 -31.35
C THR A 290 12.83 25.47 -30.34
N THR A 291 12.47 26.10 -29.23
CA THR A 291 13.46 26.65 -28.31
C THR A 291 14.08 25.58 -27.42
N THR A 292 15.23 25.93 -26.83
CA THR A 292 16.00 25.01 -26.00
C THR A 292 15.87 25.41 -24.54
N GLN A 293 15.73 24.42 -23.67
CA GLN A 293 15.78 24.64 -22.24
C GLN A 293 17.25 24.84 -21.84
N THR A 294 17.61 26.06 -21.47
CA THR A 294 18.96 26.34 -20.97
C THR A 294 19.02 26.02 -19.48
N THR A 295 20.24 25.88 -18.97
CA THR A 295 20.47 25.50 -17.59
C THR A 295 19.87 26.53 -16.63
N SER A 296 19.15 26.06 -15.62
CA SER A 296 18.69 26.95 -14.56
C SER A 296 19.89 27.37 -13.71
N THR A 297 20.22 28.66 -13.74
CA THR A 297 21.34 29.22 -12.99
C THR A 297 20.88 29.90 -11.70
N LYS A 298 19.58 30.10 -11.55
CA LYS A 298 19.02 30.74 -10.36
C LYS A 298 17.67 30.11 -10.03
N PRO A 299 17.69 28.81 -9.70
CA PRO A 299 16.44 28.17 -9.29
C PRO A 299 15.91 28.76 -8.00
N LEU A 300 14.60 28.78 -7.85
CA LEU A 300 13.99 29.19 -6.59
C LEU A 300 14.46 28.28 -5.47
N GLN A 301 14.88 28.89 -4.37
CA GLN A 301 15.13 28.19 -3.11
C GLN A 301 14.30 28.90 -2.07
N GLU A 302 13.49 28.14 -1.33
CA GLU A 302 12.55 28.71 -0.38
C GLU A 302 13.20 29.63 0.66
N PRO A 303 14.39 29.27 1.19
CA PRO A 303 15.02 30.18 2.15
C PRO A 303 15.40 31.56 1.59
N ASN A 304 15.48 31.70 0.28
CA ASN A 304 15.76 33.00 -0.33
C ASN A 304 14.53 33.92 -0.40
N LEU A 305 13.34 33.37 -0.19
CA LEU A 305 12.12 34.18 -0.18
C LEU A 305 12.00 34.94 1.14
N ARG A 306 11.59 36.20 1.04
CA ARG A 306 11.43 37.10 2.18
C ARG A 306 10.10 37.82 2.06
N PRO A 307 9.35 37.97 3.17
CA PRO A 307 8.15 38.80 3.10
C PRO A 307 8.46 40.24 2.70
N LEU A 308 7.59 40.83 1.89
CA LEU A 308 7.72 42.23 1.48
C LEU A 308 7.68 43.15 2.69
N VAL A 309 6.71 42.91 3.57
CA VAL A 309 6.52 43.69 4.79
C VAL A 309 7.03 42.86 5.97
N SER A 310 7.62 43.51 6.95
CA SER A 310 8.11 42.82 8.14
C SER A 310 7.01 41.98 8.77
N MET A 311 7.27 40.69 8.92
CA MET A 311 6.35 39.77 9.59
C MET A 311 7.15 39.01 10.64
N PRO A 312 7.28 39.60 11.84
CA PRO A 312 8.10 38.98 12.87
C PRO A 312 7.69 37.54 13.19
N VAL A 313 8.69 36.70 13.41
CA VAL A 313 8.48 35.31 13.75
C VAL A 313 7.96 35.24 15.19
N PRO A 314 6.86 34.51 15.43
CA PRO A 314 6.40 34.41 16.81
C PRO A 314 7.34 33.58 17.68
N GLY A 315 7.39 33.91 18.96
CA GLY A 315 8.25 33.22 19.90
C GLY A 315 9.67 33.74 19.89
N SER A 316 10.58 32.97 20.48
CA SER A 316 11.99 33.36 20.58
C SER A 316 12.84 32.54 19.61
N ALA A 317 14.06 33.04 19.37
CA ALA A 317 14.90 32.54 18.29
C ALA A 317 15.71 31.30 18.68
N THR A 318 15.01 30.23 19.05
CA THR A 318 15.64 28.97 19.38
C THR A 318 14.60 27.86 19.24
N PRO A 319 15.03 26.62 18.93
CA PRO A 319 14.04 25.54 18.85
C PRO A 319 13.22 25.40 20.12
N GLY A 320 11.90 25.28 19.96
CA GLY A 320 10.98 25.17 21.07
C GLY A 320 10.68 26.47 21.81
N GLY A 321 11.16 27.59 21.25
CA GLY A 321 10.96 28.91 21.88
C GLY A 321 9.57 29.48 21.63
N VAL A 322 8.56 28.72 22.02
CA VAL A 322 7.15 29.08 21.82
C VAL A 322 6.34 28.57 23.00
N ASP A 323 5.06 28.94 23.05
CA ASP A 323 4.17 28.45 24.10
C ASP A 323 3.90 26.95 23.96
N VAL A 324 3.70 26.48 22.72
CA VAL A 324 3.27 25.10 22.47
C VAL A 324 4.09 24.49 21.34
N VAL A 325 4.76 23.38 21.64
CA VAL A 325 5.54 22.64 20.64
C VAL A 325 4.88 21.30 20.35
N HIS A 326 4.73 20.98 19.07
CA HIS A 326 4.38 19.63 18.66
C HIS A 326 5.38 19.16 17.62
N ASN A 327 6.28 18.27 18.02
CA ASN A 327 7.19 17.62 17.10
C ASN A 327 6.48 16.41 16.53
N LEU A 328 5.86 16.59 15.37
CA LEU A 328 4.98 15.58 14.81
C LEU A 328 5.79 14.46 14.20
N ILE A 329 5.41 13.23 14.52
CA ILE A 329 6.07 12.04 14.00
C ILE A 329 5.29 11.56 12.79
N LEU A 330 5.90 11.72 11.61
CA LEU A 330 5.25 11.38 10.35
C LEU A 330 5.70 9.98 9.95
N GLY A 331 4.75 9.06 9.82
CA GLY A 331 5.07 7.67 9.58
C GLY A 331 4.09 6.97 8.64
N PHE A 332 4.32 5.68 8.47
CA PHE A 332 3.46 4.83 7.64
C PHE A 332 3.52 3.42 8.19
N SER A 333 2.34 2.85 8.49
CA SER A 333 2.25 1.47 8.96
C SER A 333 0.84 0.95 8.77
N ALA A 334 0.70 -0.37 8.73
CA ALA A 334 -0.59 -1.02 8.51
C ALA A 334 -1.32 -0.45 7.29
N GLY A 335 -0.56 -0.17 6.23
CA GLY A 335 -1.11 0.32 4.97
C GLY A 335 -1.62 1.75 4.96
N LYS A 336 -1.31 2.52 6.01
CA LYS A 336 -1.80 3.89 6.13
C LYS A 336 -0.71 4.83 6.62
N PHE A 337 -0.82 6.09 6.22
CA PHE A 337 0.02 7.14 6.77
C PHE A 337 -0.45 7.49 8.17
N THR A 338 0.50 7.91 9.01
CA THR A 338 0.21 8.24 10.40
C THR A 338 0.88 9.53 10.83
N ILE A 339 0.22 10.23 11.75
CA ILE A 339 0.81 11.36 12.46
C ILE A 339 0.71 11.04 13.94
N ASN A 340 1.86 11.03 14.63
CA ASN A 340 1.93 10.59 16.03
C ASN A 340 1.23 9.24 16.24
N GLY A 341 1.45 8.34 15.29
CA GLY A 341 0.94 6.98 15.37
C GLY A 341 -0.51 6.77 14.94
N ALA A 342 -1.21 7.84 14.58
CA ALA A 342 -2.63 7.77 14.23
C ALA A 342 -2.87 8.09 12.76
N ALA A 343 -3.64 7.24 12.08
CA ALA A 343 -4.08 7.48 10.72
C ALA A 343 -5.47 8.11 10.78
N PHE A 344 -5.64 9.26 10.13
CA PHE A 344 -6.92 9.94 10.12
C PHE A 344 -7.97 9.16 9.31
N THR A 345 -9.14 8.97 9.91
CA THR A 345 -10.32 8.47 9.24
C THR A 345 -11.47 9.39 9.62
N PRO A 346 -12.32 9.80 8.65
CA PRO A 346 -13.34 10.79 8.98
C PRO A 346 -14.37 10.30 10.00
N PRO A 347 -14.73 11.15 10.97
CA PRO A 347 -15.80 10.80 11.90
C PRO A 347 -17.17 10.99 11.25
N SER A 348 -18.20 10.37 11.82
CA SER A 348 -19.56 10.51 11.29
C SER A 348 -20.12 11.90 11.57
N VAL A 349 -19.75 12.47 12.72
CA VAL A 349 -20.15 13.82 13.09
C VAL A 349 -18.97 14.75 12.83
N PRO A 350 -19.14 15.76 11.97
CA PRO A 350 -18.02 16.66 11.70
C PRO A 350 -17.43 17.24 12.99
N VAL A 351 -16.11 17.37 13.04
CA VAL A 351 -15.44 17.84 14.25
C VAL A 351 -16.05 19.17 14.74
N LEU A 352 -16.32 20.10 13.82
CA LEU A 352 -16.93 21.37 14.21
C LEU A 352 -18.27 21.13 14.89
N LEU A 353 -19.11 20.26 14.32
CA LEU A 353 -20.42 19.97 14.91
C LEU A 353 -20.29 19.30 16.27
N GLN A 354 -19.31 18.41 16.44
CA GLN A 354 -19.07 17.81 17.75
C GLN A 354 -18.88 18.91 18.79
N ILE A 355 -18.02 19.87 18.47
CA ILE A 355 -17.70 20.95 19.39
C ILE A 355 -18.93 21.84 19.63
N LEU A 356 -19.59 22.26 18.55
CA LEU A 356 -20.75 23.15 18.68
C LEU A 356 -21.90 22.51 19.46
N SER A 357 -22.04 21.19 19.34
CA SER A 357 -23.11 20.48 20.04
C SER A 357 -22.80 20.24 21.51
N GLY A 358 -21.58 20.55 21.95
CA GLY A 358 -21.23 20.51 23.37
C GLY A 358 -20.01 19.68 23.76
N THR A 359 -19.36 19.03 22.81
CA THR A 359 -18.17 18.23 23.12
C THR A 359 -16.94 19.13 23.15
N THR A 360 -16.57 19.57 24.36
CA THR A 360 -15.45 20.49 24.52
C THR A 360 -14.25 19.89 25.28
N ASN A 361 -14.37 18.63 25.72
CA ASN A 361 -13.25 17.93 26.33
C ASN A 361 -12.37 17.30 25.25
N ALA A 362 -11.08 17.60 25.30
CA ALA A 362 -10.12 17.11 24.32
C ALA A 362 -10.22 15.60 24.11
N GLN A 363 -10.33 14.86 25.21
CA GLN A 363 -10.35 13.39 25.16
C GLN A 363 -11.57 12.81 24.45
N ASP A 364 -12.64 13.60 24.34
CA ASP A 364 -13.91 13.13 23.79
C ASP A 364 -14.08 13.43 22.29
N LEU A 365 -13.18 14.22 21.71
CA LEU A 365 -13.29 14.58 20.29
C LEU A 365 -12.89 13.40 19.41
N LEU A 366 -13.63 13.22 18.32
CA LEU A 366 -13.40 12.12 17.38
C LEU A 366 -12.92 12.67 16.05
N PRO A 367 -12.02 11.95 15.35
CA PRO A 367 -11.51 10.61 15.69
C PRO A 367 -10.46 10.61 16.78
N SER A 368 -10.57 9.65 17.70
CA SER A 368 -9.62 9.53 18.81
C SER A 368 -8.21 9.31 18.26
N GLY A 369 -7.26 10.10 18.76
CA GLY A 369 -5.87 10.02 18.34
C GLY A 369 -5.50 10.97 17.21
N SER A 370 -6.50 11.55 16.54
CA SER A 370 -6.26 12.42 15.38
C SER A 370 -6.75 13.85 15.56
N VAL A 371 -7.12 14.22 16.80
CA VAL A 371 -7.49 15.59 17.12
C VAL A 371 -6.57 16.09 18.23
N ILE A 372 -5.87 17.18 17.96
CA ILE A 372 -4.98 17.82 18.92
C ILE A 372 -5.57 19.20 19.21
N THR A 373 -5.92 19.46 20.46
CA THR A 373 -6.43 20.78 20.82
C THR A 373 -5.25 21.74 20.96
N LEU A 374 -5.47 22.99 20.55
CA LEU A 374 -4.50 24.06 20.73
C LEU A 374 -5.16 25.17 21.52
N PRO A 375 -4.46 25.70 22.54
CA PRO A 375 -5.01 26.83 23.28
C PRO A 375 -4.98 28.09 22.43
N ILE A 376 -6.01 28.92 22.58
CA ILE A 376 -6.10 30.17 21.83
C ILE A 376 -5.11 31.21 22.38
N GLY A 377 -4.63 32.09 21.51
CA GLY A 377 -3.77 33.20 21.91
C GLY A 377 -2.34 32.83 22.23
N LYS A 378 -1.85 31.76 21.61
CA LYS A 378 -0.53 31.21 21.93
C LYS A 378 0.33 31.02 20.69
N THR A 379 1.64 31.02 20.89
CA THR A 379 2.58 30.76 19.81
C THR A 379 2.82 29.24 19.70
N ILE A 380 2.81 28.75 18.46
CA ILE A 380 2.89 27.33 18.17
C ILE A 380 4.10 27.06 17.28
N GLU A 381 4.83 25.99 17.58
CA GLU A 381 5.87 25.48 16.69
C GLU A 381 5.55 24.02 16.37
N LEU A 382 5.51 23.70 15.08
CA LEU A 382 5.40 22.33 14.62
C LEU A 382 6.69 21.96 13.89
N THR A 383 7.22 20.77 14.16
CA THR A 383 8.23 20.20 13.28
C THR A 383 7.63 19.01 12.55
N LEU A 384 8.13 18.79 11.34
CA LEU A 384 7.57 17.82 10.40
C LEU A 384 8.70 16.98 9.80
N ALA A 385 9.50 16.35 10.67
CA ALA A 385 10.71 15.65 10.23
C ALA A 385 10.37 14.58 9.20
N ALA A 386 11.09 14.62 8.07
CA ALA A 386 10.77 13.78 6.92
C ALA A 386 11.55 12.48 6.94
N GLY A 387 11.32 11.67 5.91
CA GLY A 387 11.92 10.34 5.81
C GLY A 387 10.88 9.31 5.43
N VAL A 388 9.64 9.50 5.88
CA VAL A 388 8.54 8.60 5.55
C VAL A 388 8.33 8.50 4.04
N LEU A 389 8.03 7.29 3.56
CA LEU A 389 7.92 7.02 2.13
C LEU A 389 6.87 7.86 1.42
N GLY A 390 6.96 7.91 0.10
CA GLY A 390 6.00 8.59 -0.73
C GLY A 390 6.24 10.09 -0.87
N GLY A 391 7.36 10.56 -0.34
CA GLY A 391 7.69 11.97 -0.38
C GLY A 391 8.24 12.44 -1.73
N PRO A 392 8.53 13.74 -1.85
CA PRO A 392 8.45 14.73 -0.78
C PRO A 392 7.01 15.20 -0.50
N HIS A 393 6.64 15.22 0.77
CA HIS A 393 5.27 15.52 1.21
C HIS A 393 5.08 17.02 1.45
N PRO A 394 4.18 17.66 0.68
CA PRO A 394 3.90 19.07 0.92
C PRO A 394 2.76 19.24 1.94
N PHE A 395 3.10 19.73 3.13
CA PHE A 395 2.11 19.86 4.19
C PHE A 395 1.40 21.20 4.15
N HIS A 396 0.11 21.15 4.46
CA HIS A 396 -0.76 22.31 4.40
C HIS A 396 -1.53 22.46 5.70
N LEU A 397 -1.59 23.68 6.21
CA LEU A 397 -2.37 24.02 7.40
C LEU A 397 -3.53 24.91 6.99
N HIS A 398 -4.75 24.50 7.33
CA HIS A 398 -5.93 25.30 7.13
C HIS A 398 -6.03 26.41 8.17
N GLY A 399 -6.77 27.47 7.84
CA GLY A 399 -7.08 28.53 8.78
C GLY A 399 -5.95 29.49 9.10
N HIS A 400 -4.79 29.31 8.47
CA HIS A 400 -3.56 30.01 8.86
C HIS A 400 -2.56 30.11 7.72
N ASN A 401 -1.72 31.13 7.80
CA ASN A 401 -0.37 31.09 7.22
C ASN A 401 0.59 30.72 8.33
N PHE A 402 1.80 30.34 7.96
CA PHE A 402 2.83 30.04 8.94
C PHE A 402 4.20 30.50 8.45
N HIS A 403 5.07 30.80 9.40
CA HIS A 403 6.46 31.14 9.13
C HIS A 403 7.25 29.86 8.92
N VAL A 404 7.96 29.76 7.81
CA VAL A 404 8.80 28.59 7.55
C VAL A 404 10.20 28.87 8.11
N VAL A 405 10.34 28.63 9.41
CA VAL A 405 11.61 28.93 10.09
C VAL A 405 12.73 27.95 9.68
N ARG A 406 12.36 26.77 9.21
CA ARG A 406 13.35 25.85 8.62
C ARG A 406 12.72 25.12 7.42
N SER A 407 13.28 25.38 6.23
CA SER A 407 12.85 24.75 4.99
C SER A 407 13.53 23.40 4.80
N ALA A 408 13.00 22.62 3.86
CA ALA A 408 13.68 21.41 3.41
C ALA A 408 15.03 21.80 2.81
N GLY A 409 16.08 21.06 3.16
CA GLY A 409 17.43 21.35 2.66
C GLY A 409 18.15 22.44 3.40
N GLN A 410 17.49 23.01 4.42
CA GLN A 410 18.07 24.06 5.26
C GLN A 410 18.38 23.48 6.62
N THR A 411 19.62 23.68 7.08
CA THR A 411 20.05 23.15 8.37
C THR A 411 19.74 24.12 9.52
N THR A 412 20.12 25.38 9.34
CA THR A 412 20.04 26.39 10.40
C THR A 412 18.75 27.20 10.29
N PRO A 413 17.92 27.20 11.35
CA PRO A 413 16.67 27.96 11.24
C PRO A 413 16.87 29.47 11.08
N ASN A 414 15.89 30.11 10.45
CA ASN A 414 15.83 31.55 10.29
C ASN A 414 14.66 32.08 11.11
N TYR A 415 14.97 32.76 12.22
CA TYR A 415 13.97 33.35 13.08
C TYR A 415 13.81 34.86 12.84
N VAL A 416 14.44 35.38 11.79
CA VAL A 416 14.43 36.81 11.52
C VAL A 416 13.35 37.15 10.49
N ASP A 417 13.53 36.68 9.27
CA ASP A 417 12.66 37.08 8.16
C ASP A 417 12.31 35.95 7.19
N PRO A 418 11.97 34.75 7.71
CA PRO A 418 11.59 33.68 6.81
C PRO A 418 10.27 33.97 6.12
N ILE A 419 10.07 33.35 4.96
CA ILE A 419 8.81 33.48 4.24
C ILE A 419 7.66 32.90 5.07
N VAL A 420 6.48 33.47 4.85
CA VAL A 420 5.23 33.04 5.43
C VAL A 420 4.39 32.50 4.27
N ARG A 421 3.79 31.32 4.46
CA ARG A 421 3.04 30.69 3.38
C ARG A 421 2.05 29.66 3.96
N ASP A 422 1.41 28.85 3.12
CA ASP A 422 0.44 27.87 3.64
C ASP A 422 0.63 26.42 3.19
N VAL A 423 1.52 26.16 2.23
CA VAL A 423 1.94 24.81 1.89
C VAL A 423 3.45 24.77 1.86
N VAL A 424 4.04 23.79 2.53
CA VAL A 424 5.49 23.69 2.64
C VAL A 424 5.98 22.28 2.32
N ASN A 425 6.99 22.19 1.46
CA ASN A 425 7.65 20.92 1.19
C ASN A 425 8.41 20.45 2.44
N THR A 426 8.10 19.25 2.92
CA THR A 426 8.80 18.70 4.08
C THR A 426 10.09 17.95 3.70
N GLY A 427 10.31 17.69 2.41
CA GLY A 427 11.58 17.18 1.94
C GLY A 427 11.77 15.68 2.13
N GLY A 428 12.94 15.30 2.64
CA GLY A 428 13.29 13.89 2.77
C GLY A 428 14.16 13.60 3.98
N THR A 429 14.80 12.44 3.97
CA THR A 429 15.66 12.02 5.07
C THR A 429 16.65 13.13 5.43
N GLY A 430 16.71 13.47 6.70
CA GLY A 430 17.61 14.51 7.19
C GLY A 430 16.96 15.88 7.36
N ASP A 431 15.82 16.10 6.72
CA ASP A 431 15.10 17.36 6.84
C ASP A 431 14.27 17.40 8.12
N ASN A 432 14.12 18.59 8.66
CA ASN A 432 13.30 18.80 9.84
C ASN A 432 12.59 20.14 9.73
N VAL A 433 11.68 20.18 8.76
CA VAL A 433 10.94 21.39 8.45
C VAL A 433 10.18 21.85 9.67
N THR A 434 10.31 23.14 9.95
CA THR A 434 9.77 23.74 11.17
C THR A 434 8.94 24.96 10.79
N ILE A 435 7.74 25.02 11.31
CA ILE A 435 6.82 26.12 11.02
C ILE A 435 6.23 26.67 12.32
N ARG A 436 5.93 27.96 12.31
CA ARG A 436 5.34 28.63 13.47
C ARG A 436 4.15 29.48 13.07
N PHE A 437 3.19 29.57 14.00
CA PHE A 437 2.05 30.46 13.84
C PHE A 437 1.48 30.78 15.22
N THR A 438 0.54 31.71 15.27
CA THR A 438 -0.13 32.08 16.51
C THR A 438 -1.60 31.67 16.40
N THR A 439 -2.16 31.15 17.49
CA THR A 439 -3.55 30.72 17.47
C THR A 439 -4.50 31.90 17.66
N ASP A 440 -4.91 32.47 16.53
CA ASP A 440 -5.77 33.66 16.47
C ASP A 440 -7.11 33.35 15.81
N ASN A 441 -7.48 32.09 15.74
CA ASN A 441 -8.59 31.67 14.88
C ASN A 441 -9.32 30.44 15.44
N PRO A 442 -10.29 30.68 16.35
CA PRO A 442 -10.99 29.54 16.95
C PRO A 442 -11.73 28.66 15.93
N GLY A 443 -11.50 27.35 16.04
CA GLY A 443 -12.19 26.37 15.21
C GLY A 443 -11.27 25.19 14.92
N PRO A 444 -11.85 24.09 14.41
CA PRO A 444 -11.04 22.95 14.01
C PRO A 444 -10.48 23.16 12.60
N TRP A 445 -9.16 22.98 12.47
CA TRP A 445 -8.46 23.19 11.21
C TRP A 445 -7.60 21.98 10.86
N PHE A 446 -7.71 21.52 9.62
CA PHE A 446 -6.90 20.41 9.13
C PHE A 446 -5.41 20.81 8.99
N LEU A 447 -4.54 19.87 9.35
CA LEU A 447 -3.15 19.86 8.89
C LEU A 447 -2.98 18.53 8.17
N HIS A 448 -2.57 18.57 6.91
CA HIS A 448 -2.42 17.33 6.16
C HIS A 448 -1.45 17.48 5.01
N CYS A 449 -1.01 16.33 4.52
CA CYS A 449 -0.24 16.30 3.29
C CYS A 449 -1.18 16.62 2.14
N HIS A 450 -0.76 17.51 1.24
CA HIS A 450 -1.61 17.90 0.13
C HIS A 450 -1.50 16.98 -1.09
N ILE A 451 -0.74 15.90 -0.97
CA ILE A 451 -0.88 14.79 -1.91
C ILE A 451 -2.17 14.11 -1.51
N ASP A 452 -3.20 14.27 -2.33
CA ASP A 452 -4.56 13.92 -1.92
C ASP A 452 -4.72 12.42 -1.62
N TRP A 453 -3.96 11.60 -2.32
CA TRP A 453 -3.93 10.17 -2.08
C TRP A 453 -3.46 9.84 -0.68
N HIS A 454 -2.54 10.66 -0.15
CA HIS A 454 -1.99 10.45 1.18
C HIS A 454 -2.95 10.91 2.27
N LEU A 455 -3.63 12.03 2.02
CA LEU A 455 -4.72 12.46 2.91
C LEU A 455 -5.77 11.34 3.06
N GLU A 456 -6.21 10.78 1.93
CA GLU A 456 -7.18 9.69 1.93
C GLU A 456 -6.65 8.49 2.71
N ALA A 457 -5.35 8.25 2.62
CA ALA A 457 -4.70 7.14 3.32
C ALA A 457 -4.28 7.48 4.76
N GLY A 458 -4.75 8.62 5.29
CA GLY A 458 -4.64 8.91 6.73
C GLY A 458 -3.67 10.00 7.15
N PHE A 459 -3.03 10.68 6.21
CA PHE A 459 -1.92 11.58 6.55
C PHE A 459 -2.43 12.97 6.92
N ALA A 460 -3.08 13.03 8.09
CA ALA A 460 -3.74 14.25 8.53
C ALA A 460 -3.97 14.22 10.03
N VAL A 461 -4.08 15.41 10.61
CA VAL A 461 -4.51 15.59 11.98
C VAL A 461 -5.38 16.84 12.00
N VAL A 462 -6.31 16.93 12.95
CA VAL A 462 -7.15 18.11 13.11
C VAL A 462 -6.67 18.87 14.33
N PHE A 463 -6.36 20.16 14.16
CA PHE A 463 -6.06 21.04 15.27
C PHE A 463 -7.36 21.71 15.70
N ALA A 464 -7.85 21.31 16.87
CA ALA A 464 -9.04 21.94 17.44
C ALA A 464 -8.56 23.17 18.21
N GLU A 465 -8.53 24.30 17.50
CA GLU A 465 -7.96 25.53 18.02
C GLU A 465 -9.01 26.30 18.82
N GLY A 466 -8.68 26.67 20.05
CA GLY A 466 -9.62 27.42 20.89
C GLY A 466 -10.99 26.76 20.98
N VAL A 467 -11.02 25.51 21.45
CA VAL A 467 -12.26 24.74 21.52
C VAL A 467 -13.37 25.53 22.23
N ASN A 468 -13.04 26.12 23.37
CA ASN A 468 -14.05 26.82 24.17
C ASN A 468 -14.39 28.23 23.68
N GLN A 469 -13.73 28.67 22.61
CA GLN A 469 -14.09 29.90 21.92
C GLN A 469 -14.75 29.63 20.57
N THR A 470 -14.83 28.35 20.18
CA THR A 470 -15.26 27.97 18.83
C THR A 470 -16.74 28.29 18.55
N ASN A 471 -17.61 28.05 19.54
CA ASN A 471 -19.03 28.33 19.37
C ASN A 471 -19.24 29.84 19.19
N ALA A 472 -18.69 30.63 20.11
CA ALA A 472 -18.82 32.08 20.04
C ALA A 472 -18.27 32.64 18.73
N ALA A 473 -17.14 32.09 18.28
CA ALA A 473 -16.45 32.60 17.10
C ALA A 473 -17.19 32.30 15.79
N ASN A 474 -17.91 31.19 15.75
CA ASN A 474 -18.42 30.64 14.49
C ASN A 474 -19.92 30.38 14.49
N PRO A 475 -20.74 31.45 14.55
CA PRO A 475 -22.18 31.23 14.38
C PRO A 475 -22.46 30.62 13.01
N THR A 476 -23.35 29.64 12.94
CA THR A 476 -23.57 28.89 11.72
C THR A 476 -24.93 29.20 11.10
N PRO A 477 -25.00 29.18 9.76
CA PRO A 477 -26.25 29.43 9.07
C PRO A 477 -27.14 28.19 9.03
N ALA A 478 -28.43 28.42 8.77
CA ALA A 478 -29.42 27.36 8.73
C ALA A 478 -29.06 26.25 7.74
N ASP A 479 -28.56 26.61 6.56
CA ASP A 479 -28.25 25.58 5.58
C ASP A 479 -27.10 24.68 6.04
N TRP A 480 -26.08 25.24 6.69
CA TRP A 480 -25.03 24.42 7.29
C TRP A 480 -25.61 23.50 8.36
N ASN A 481 -26.49 24.06 9.20
CA ASN A 481 -27.11 23.31 10.30
C ASN A 481 -27.83 22.05 9.83
N ASN A 482 -28.32 22.05 8.59
CA ASN A 482 -29.10 20.94 8.07
C ASN A 482 -28.31 19.96 7.19
N LEU A 483 -27.04 20.25 6.92
CA LEU A 483 -26.26 19.42 5.99
C LEU A 483 -26.16 17.96 6.43
N CYS A 484 -25.87 17.73 7.70
CA CYS A 484 -25.72 16.35 8.18
C CYS A 484 -27.03 15.59 8.16
N ASN A 485 -28.13 16.25 8.51
CA ASN A 485 -29.44 15.61 8.45
C ASN A 485 -29.76 15.12 7.03
N ILE A 486 -29.51 15.98 6.05
CA ILE A 486 -29.75 15.64 4.64
C ILE A 486 -28.83 14.51 4.19
N TYR A 487 -27.54 14.64 4.51
CA TYR A 487 -26.53 13.69 4.07
C TYR A 487 -26.75 12.30 4.66
N ASN A 488 -27.06 12.26 5.96
CA ASN A 488 -27.25 10.98 6.66
C ASN A 488 -28.52 10.25 6.22
N ALA A 489 -29.47 10.98 5.62
CA ALA A 489 -30.70 10.39 5.09
C ALA A 489 -30.50 9.73 3.71
N LEU A 490 -29.36 9.96 3.08
CA LEU A 490 -29.10 9.41 1.74
C LEU A 490 -28.95 7.90 1.76
N ALA A 491 -29.45 7.25 0.72
CA ALA A 491 -29.11 5.85 0.45
C ALA A 491 -27.63 5.77 0.13
N ASP A 492 -27.00 4.64 0.49
CA ASP A 492 -25.56 4.45 0.26
C ASP A 492 -25.18 4.69 -1.21
N GLY A 493 -26.05 4.28 -2.11
CA GLY A 493 -25.81 4.46 -3.55
C GLY A 493 -25.89 5.89 -4.05
N ASP A 494 -26.39 6.82 -3.23
CA ASP A 494 -26.51 8.22 -3.61
C ASP A 494 -25.52 9.15 -2.91
N LYS A 495 -24.57 8.57 -2.18
CA LYS A 495 -23.54 9.34 -1.50
C LYS A 495 -22.47 9.83 -2.49
N ALA B 1 20.41 -34.46 6.47
CA ALA B 1 19.03 -34.36 7.04
C ALA B 1 19.05 -34.63 8.55
N VAL B 2 17.98 -34.20 9.23
CA VAL B 2 17.82 -34.44 10.67
C VAL B 2 16.41 -34.95 10.98
N GLY B 3 16.26 -35.63 12.10
CA GLY B 3 14.96 -36.15 12.53
C GLY B 3 14.88 -37.66 12.41
N PRO B 4 13.80 -38.27 12.95
CA PRO B 4 12.61 -37.62 13.53
C PRO B 4 12.78 -37.04 14.95
N VAL B 5 13.87 -37.39 15.63
CA VAL B 5 14.14 -36.88 16.97
C VAL B 5 15.43 -36.05 16.91
N THR B 6 15.29 -34.74 17.10
CA THR B 6 16.44 -33.84 16.98
C THR B 6 16.19 -32.49 17.67
N ASP B 7 17.28 -31.85 18.06
CA ASP B 7 17.25 -30.44 18.45
C ASP B 7 17.32 -29.62 17.17
N ILE B 8 16.62 -28.48 17.16
CA ILE B 8 16.74 -27.52 16.06
C ILE B 8 17.00 -26.16 16.70
N HIS B 9 18.21 -25.65 16.53
CA HIS B 9 18.56 -24.34 17.07
C HIS B 9 18.16 -23.25 16.10
N ILE B 10 17.49 -22.22 16.63
CA ILE B 10 17.06 -21.07 15.86
C ILE B 10 18.02 -19.93 16.21
N VAL B 11 18.77 -19.46 15.22
CA VAL B 11 19.89 -18.56 15.44
C VAL B 11 19.86 -17.38 14.48
N ASN B 12 20.53 -16.31 14.88
CA ASN B 12 20.82 -15.22 13.98
C ASN B 12 22.17 -15.43 13.31
N LYS B 13 22.22 -15.18 12.00
CA LYS B 13 23.47 -15.23 11.26
C LYS B 13 23.37 -14.28 10.08
N ASP B 14 24.42 -13.50 9.83
CA ASP B 14 24.50 -12.69 8.62
C ASP B 14 24.84 -13.62 7.46
N ILE B 15 24.01 -13.61 6.42
CA ILE B 15 24.23 -14.45 5.24
C ILE B 15 24.08 -13.64 3.96
N ALA B 16 24.57 -14.20 2.86
CA ALA B 16 24.59 -13.50 1.58
C ALA B 16 24.33 -14.49 0.44
N PRO B 17 23.12 -15.08 0.39
CA PRO B 17 22.81 -16.14 -0.58
C PRO B 17 22.79 -15.71 -2.05
N ASP B 18 22.76 -14.40 -2.29
CA ASP B 18 22.90 -13.82 -3.63
C ASP B 18 24.01 -12.78 -3.66
N GLY B 19 24.91 -12.81 -2.67
CA GLY B 19 26.02 -11.87 -2.61
C GLY B 19 25.80 -10.65 -1.73
N PHE B 20 24.53 -10.35 -1.41
CA PHE B 20 24.21 -9.21 -0.53
C PHE B 20 24.06 -9.70 0.91
N SER B 21 24.91 -9.19 1.80
CA SER B 21 24.88 -9.62 3.20
C SER B 21 23.73 -8.97 3.95
N ARG B 22 23.04 -9.75 4.77
CA ARG B 22 22.02 -9.21 5.68
C ARG B 22 21.82 -10.15 6.86
N PRO B 23 21.37 -9.60 8.00
CA PRO B 23 20.97 -10.45 9.12
C PRO B 23 19.82 -11.37 8.77
N SER B 24 19.74 -12.51 9.43
CA SER B 24 18.67 -13.46 9.17
C SER B 24 18.33 -14.25 10.44
N VAL B 25 17.19 -14.93 10.36
CA VAL B 25 16.73 -15.87 11.38
C VAL B 25 16.72 -17.26 10.73
N LEU B 26 17.56 -18.17 11.24
CA LEU B 26 17.77 -19.45 10.57
C LEU B 26 17.62 -20.65 11.50
N ALA B 27 16.94 -21.68 11.00
CA ALA B 27 16.99 -22.99 11.63
C ALA B 27 18.33 -23.64 11.25
N GLY B 28 19.08 -24.10 12.25
CA GLY B 28 20.34 -24.79 12.00
C GLY B 28 21.45 -23.93 11.41
N GLY B 29 21.27 -22.62 11.41
CA GLY B 29 22.26 -21.70 10.88
C GLY B 29 22.44 -21.74 9.37
N THR B 30 21.46 -22.27 8.64
CA THR B 30 21.53 -22.31 7.18
C THR B 30 20.23 -21.81 6.56
N PHE B 31 20.34 -21.30 5.33
CA PHE B 31 19.17 -21.04 4.51
C PHE B 31 19.19 -21.87 3.23
N PRO B 32 18.14 -22.67 2.98
CA PRO B 32 17.05 -22.97 3.91
C PRO B 32 17.58 -23.76 5.10
N GLY B 33 16.72 -23.97 6.08
CA GLY B 33 17.09 -24.78 7.24
C GLY B 33 17.36 -26.22 6.85
N PRO B 34 17.80 -27.02 7.81
CA PRO B 34 18.06 -28.42 7.52
C PRO B 34 16.81 -29.15 7.05
N LEU B 35 17.00 -30.10 6.13
CA LEU B 35 15.94 -30.99 5.73
C LEU B 35 15.58 -31.89 6.92
N ILE B 36 14.32 -31.86 7.33
CA ILE B 36 13.83 -32.75 8.38
C ILE B 36 13.22 -33.97 7.70
N THR B 37 13.58 -35.16 8.19
CA THR B 37 13.04 -36.39 7.61
C THR B 37 12.59 -37.37 8.67
N GLY B 38 11.67 -38.24 8.26
CA GLY B 38 11.28 -39.39 9.03
C GLY B 38 10.52 -40.35 8.13
N GLN B 39 9.96 -41.38 8.73
CA GLN B 39 9.15 -42.38 8.02
C GLN B 39 7.71 -42.26 8.48
N LYS B 40 6.79 -42.63 7.59
CA LYS B 40 5.38 -42.74 7.96
C LYS B 40 5.25 -43.54 9.25
N GLY B 41 4.49 -43.02 10.20
CA GLY B 41 4.28 -43.69 11.49
C GLY B 41 5.21 -43.21 12.60
N ASP B 42 6.20 -42.40 12.26
CA ASP B 42 7.16 -41.91 13.25
C ASP B 42 6.54 -40.91 14.23
N ASN B 43 7.09 -40.92 15.44
CA ASN B 43 6.85 -39.88 16.43
C ASN B 43 7.97 -38.86 16.26
N PHE B 44 7.60 -37.68 15.79
CA PHE B 44 8.54 -36.58 15.65
C PHE B 44 8.67 -35.87 16.98
N LYS B 45 9.91 -35.73 17.44
CA LYS B 45 10.23 -35.01 18.66
C LYS B 45 11.24 -33.94 18.29
N LEU B 46 10.72 -32.77 17.94
CA LEU B 46 11.53 -31.69 17.39
C LEU B 46 11.67 -30.61 18.45
N ASN B 47 12.83 -30.61 19.09
CA ASN B 47 13.11 -29.71 20.19
C ASN B 47 13.67 -28.39 19.66
N VAL B 48 12.82 -27.39 19.62
CA VAL B 48 13.16 -26.10 19.04
C VAL B 48 13.80 -25.23 20.12
N VAL B 49 15.05 -24.85 19.91
CA VAL B 49 15.84 -24.12 20.87
C VAL B 49 16.03 -22.70 20.35
N ASP B 50 15.42 -21.73 21.02
CA ASP B 50 15.44 -20.35 20.56
C ASP B 50 16.68 -19.62 21.11
N ASP B 51 17.66 -19.39 20.22
CA ASP B 51 18.90 -18.69 20.57
C ASP B 51 18.98 -17.30 19.93
N LEU B 52 17.84 -16.74 19.53
CA LEU B 52 17.81 -15.46 18.83
C LEU B 52 18.12 -14.27 19.74
N THR B 53 18.95 -13.36 19.24
CA THR B 53 19.32 -12.15 19.99
C THR B 53 18.95 -10.84 19.29
N ASP B 54 18.54 -10.89 18.03
CA ASP B 54 18.31 -9.68 17.24
C ASP B 54 16.82 -9.28 17.25
N ALA B 55 16.50 -8.24 18.01
CA ALA B 55 15.12 -7.78 18.14
C ALA B 55 14.50 -7.32 16.82
N SER B 56 15.33 -6.91 15.87
CA SER B 56 14.82 -6.39 14.58
C SER B 56 14.09 -7.45 13.75
N MET B 57 14.30 -8.73 14.07
CA MET B 57 13.60 -9.83 13.41
C MET B 57 12.81 -10.69 14.39
N LEU B 58 12.60 -10.14 15.59
CA LEU B 58 11.98 -10.79 16.76
C LEU B 58 12.88 -11.84 17.40
N LYS B 59 13.02 -11.77 18.72
CA LYS B 59 13.80 -12.75 19.46
C LYS B 59 12.99 -14.01 19.78
N SER B 60 11.66 -13.88 19.75
CA SER B 60 10.76 -15.01 19.97
C SER B 60 10.57 -15.76 18.66
N THR B 61 10.01 -16.96 18.74
CA THR B 61 9.75 -17.75 17.54
C THR B 61 8.69 -18.82 17.80
N SER B 62 8.14 -19.36 16.72
CA SER B 62 7.21 -20.46 16.78
C SER B 62 7.26 -21.13 15.42
N ILE B 63 7.21 -22.47 15.39
CA ILE B 63 7.39 -23.20 14.14
C ILE B 63 6.14 -23.99 13.80
N HIS B 64 5.71 -23.86 12.54
CA HIS B 64 4.62 -24.65 11.98
C HIS B 64 5.19 -25.72 11.05
N TRP B 65 4.62 -26.92 11.15
CA TRP B 65 5.02 -28.07 10.36
C TRP B 65 3.91 -28.22 9.31
N HIS B 66 4.18 -27.65 8.15
CA HIS B 66 3.14 -27.37 7.18
C HIS B 66 2.63 -28.64 6.50
N GLY B 67 1.34 -28.89 6.70
CA GLY B 67 0.64 -29.99 6.05
C GLY B 67 0.27 -31.15 6.96
N PHE B 68 0.82 -31.16 8.18
CA PHE B 68 0.52 -32.25 9.10
C PHE B 68 -0.78 -31.97 9.85
N PHE B 69 -1.63 -32.99 9.95
CA PHE B 69 -2.95 -32.82 10.53
C PHE B 69 -2.92 -32.45 12.02
N GLN B 70 -1.90 -32.94 12.73
CA GLN B 70 -1.74 -32.67 14.16
C GLN B 70 -2.96 -33.10 14.97
N LYS B 71 -3.58 -34.22 14.59
CA LYS B 71 -4.75 -34.72 15.31
C LYS B 71 -4.37 -35.06 16.74
N GLY B 72 -5.03 -34.41 17.69
CA GLY B 72 -4.74 -34.61 19.10
C GLY B 72 -3.54 -33.86 19.61
N THR B 73 -2.84 -33.13 18.72
CA THR B 73 -1.69 -32.32 19.11
C THR B 73 -1.83 -30.92 18.50
N ASN B 74 -3.02 -30.34 18.65
CA ASN B 74 -3.30 -29.00 18.13
C ASN B 74 -2.34 -27.96 18.70
N TRP B 75 -1.92 -28.17 19.94
CA TRP B 75 -0.95 -27.33 20.64
C TRP B 75 0.41 -27.24 19.97
N ALA B 76 0.72 -28.20 19.08
CA ALA B 76 2.01 -28.27 18.41
C ALA B 76 1.98 -27.70 16.98
N ASP B 77 0.85 -27.13 16.56
CA ASP B 77 0.70 -26.73 15.17
C ASP B 77 1.56 -25.54 14.79
N GLY B 78 1.75 -24.59 15.71
CA GLY B 78 2.72 -23.50 15.50
C GLY B 78 2.21 -22.07 15.45
N PRO B 79 1.05 -21.82 14.83
CA PRO B 79 0.64 -20.42 14.70
C PRO B 79 0.58 -19.65 16.02
N ALA B 80 1.35 -18.57 16.10
CA ALA B 80 1.40 -17.75 17.29
C ALA B 80 0.04 -17.14 17.57
N PHE B 81 -0.40 -17.29 18.82
CA PHE B 81 -1.67 -16.74 19.32
C PHE B 81 -2.92 -17.41 18.76
N VAL B 82 -2.73 -18.50 18.03
CA VAL B 82 -3.82 -19.42 17.71
C VAL B 82 -3.60 -20.72 18.46
N ASN B 83 -2.43 -21.33 18.27
CA ASN B 83 -2.12 -22.63 18.86
C ASN B 83 -1.11 -22.61 20.01
N GLN B 84 -0.34 -21.52 20.12
CA GLN B 84 0.60 -21.35 21.23
C GLN B 84 1.00 -19.89 21.38
N CYS B 85 1.51 -19.54 22.56
CA CYS B 85 2.32 -18.33 22.67
C CYS B 85 3.70 -18.65 22.10
N PRO B 86 4.40 -17.64 21.58
CA PRO B 86 5.73 -17.90 21.05
C PRO B 86 6.70 -18.47 22.08
N ILE B 87 7.68 -19.22 21.59
CA ILE B 87 8.85 -19.59 22.36
C ILE B 87 9.65 -18.32 22.60
N SER B 88 10.18 -18.16 23.81
CA SER B 88 10.96 -16.98 24.17
C SER B 88 12.44 -17.28 24.04
N THR B 89 13.24 -16.26 23.76
CA THR B 89 14.67 -16.47 23.59
C THR B 89 15.29 -17.01 24.89
N GLY B 90 16.27 -17.88 24.73
CA GLY B 90 16.89 -18.56 25.87
C GLY B 90 16.07 -19.70 26.42
N ASN B 91 15.02 -20.09 25.68
CA ASN B 91 14.16 -21.20 26.07
C ASN B 91 14.02 -22.21 24.91
N SER B 92 13.59 -23.40 25.27
CA SER B 92 13.32 -24.47 24.30
C SER B 92 11.86 -24.91 24.41
N PHE B 93 11.36 -25.51 23.34
CA PHE B 93 10.01 -26.04 23.33
C PHE B 93 9.97 -27.28 22.45
N LEU B 94 9.40 -28.36 22.97
CA LEU B 94 9.40 -29.65 22.28
C LEU B 94 8.09 -29.85 21.50
N TYR B 95 8.20 -29.85 20.18
CA TYR B 95 7.09 -30.24 19.33
C TYR B 95 7.11 -31.76 19.22
N ASN B 96 6.11 -32.38 19.81
CA ASN B 96 6.05 -33.83 20.01
C ASN B 96 4.78 -34.30 19.37
N PHE B 97 4.88 -34.84 18.16
CA PHE B 97 3.69 -35.25 17.41
C PHE B 97 3.94 -36.49 16.57
N GLN B 98 2.85 -37.06 16.07
CA GLN B 98 2.91 -38.28 15.29
C GLN B 98 2.34 -38.04 13.90
N VAL B 99 2.81 -38.84 12.96
CA VAL B 99 2.34 -38.81 11.59
C VAL B 99 1.99 -40.25 11.18
N PRO B 100 0.87 -40.78 11.69
CA PRO B 100 0.50 -42.16 11.44
C PRO B 100 -0.04 -42.44 10.03
N ASP B 101 -0.61 -41.42 9.40
CA ASP B 101 -1.44 -41.59 8.21
C ASP B 101 -1.07 -40.62 7.08
N GLN B 102 0.14 -40.08 7.13
CA GLN B 102 0.64 -39.17 6.10
C GLN B 102 2.05 -39.55 5.69
N ALA B 103 2.34 -39.33 4.41
CA ALA B 103 3.69 -39.47 3.89
C ALA B 103 3.73 -38.60 2.65
N GLY B 104 4.88 -37.99 2.40
CA GLY B 104 5.03 -37.11 1.26
C GLY B 104 5.95 -35.95 1.56
N THR B 105 5.72 -34.86 0.83
CA THR B 105 6.61 -33.71 0.83
C THR B 105 5.93 -32.55 1.53
N TYR B 106 6.59 -32.07 2.59
CA TYR B 106 6.06 -31.02 3.45
C TYR B 106 7.15 -29.98 3.66
N TRP B 107 6.90 -29.01 4.54
CA TRP B 107 7.92 -28.04 4.91
C TRP B 107 7.62 -27.48 6.29
N TYR B 108 8.53 -26.66 6.79
CA TYR B 108 8.33 -26.03 8.08
C TYR B 108 8.79 -24.59 8.00
N HIS B 109 8.20 -23.75 8.84
CA HIS B 109 8.53 -22.34 8.81
C HIS B 109 8.06 -21.65 10.08
N SER B 110 8.68 -20.51 10.38
CA SER B 110 8.17 -19.70 11.47
C SER B 110 6.71 -19.36 11.19
N HIS B 111 5.92 -19.33 12.27
CA HIS B 111 4.54 -18.89 12.17
C HIS B 111 4.27 -17.80 13.21
N LEU B 112 5.27 -16.93 13.38
CA LEU B 112 5.18 -15.74 14.19
C LEU B 112 5.39 -14.55 13.28
N SER B 113 4.36 -13.72 13.14
CA SER B 113 4.40 -12.53 12.29
C SER B 113 4.98 -12.90 10.91
N THR B 114 5.87 -12.07 10.37
CA THR B 114 6.48 -12.29 9.06
C THR B 114 7.89 -12.89 9.17
N GLN B 115 8.19 -13.51 10.31
CA GLN B 115 9.54 -13.98 10.59
C GLN B 115 10.05 -15.03 9.60
N TYR B 116 9.19 -15.85 9.01
CA TYR B 116 9.72 -16.87 8.10
C TYR B 116 10.36 -16.26 6.86
N CYS B 117 9.92 -15.07 6.47
CA CYS B 117 10.54 -14.35 5.36
C CYS B 117 12.00 -14.01 5.69
N ASP B 118 12.29 -13.75 6.98
CA ASP B 118 13.65 -13.46 7.42
C ASP B 118 14.57 -14.68 7.49
N GLY B 119 14.05 -15.86 7.17
CA GLY B 119 14.90 -17.01 6.87
C GLY B 119 14.52 -18.34 7.46
N LEU B 120 13.56 -18.37 8.39
CA LEU B 120 13.23 -19.60 9.12
C LEU B 120 12.25 -20.44 8.30
N ARG B 121 12.80 -21.24 7.41
CA ARG B 121 12.01 -22.09 6.53
C ARG B 121 12.90 -23.20 6.00
N GLY B 122 12.32 -24.40 5.87
CA GLY B 122 13.02 -25.55 5.35
C GLY B 122 12.06 -26.63 4.91
N ALA B 123 12.59 -27.66 4.27
CA ALA B 123 11.79 -28.78 3.78
C ALA B 123 11.68 -29.89 4.81
N PHE B 124 10.65 -30.72 4.65
CA PHE B 124 10.30 -31.76 5.61
C PHE B 124 9.73 -32.92 4.80
N VAL B 125 10.45 -34.04 4.73
CA VAL B 125 10.01 -35.18 3.92
C VAL B 125 9.74 -36.39 4.80
N VAL B 126 8.57 -36.99 4.61
CA VAL B 126 8.17 -38.20 5.33
C VAL B 126 8.10 -39.30 4.29
N TYR B 127 9.05 -40.23 4.37
CA TYR B 127 9.13 -41.32 3.41
C TYR B 127 8.15 -42.43 3.77
N ASP B 128 7.67 -43.13 2.74
CA ASP B 128 6.74 -44.23 2.89
C ASP B 128 7.45 -45.52 2.49
N PRO B 129 7.68 -46.43 3.45
CA PRO B 129 8.41 -47.66 3.10
C PRO B 129 7.72 -48.53 2.05
N THR B 130 6.41 -48.38 1.92
CA THR B 130 5.65 -49.08 0.86
C THR B 130 5.00 -48.08 -0.10
N ASP B 131 5.72 -46.99 -0.38
CA ASP B 131 5.25 -45.97 -1.31
C ASP B 131 4.77 -46.64 -2.61
N PRO B 132 3.51 -46.43 -2.99
CA PRO B 132 3.01 -47.09 -4.20
C PRO B 132 3.71 -46.63 -5.48
N HIS B 133 4.37 -45.47 -5.43
CA HIS B 133 5.08 -44.92 -6.59
C HIS B 133 6.57 -45.26 -6.65
N LYS B 134 7.08 -46.02 -5.68
CA LYS B 134 8.54 -46.17 -5.54
C LYS B 134 9.25 -46.73 -6.77
N ALA B 135 8.59 -47.60 -7.52
CA ALA B 135 9.22 -48.20 -8.71
C ALA B 135 9.26 -47.26 -9.91
N LEU B 136 8.67 -46.07 -9.78
CA LEU B 136 8.66 -45.09 -10.86
C LEU B 136 9.94 -44.25 -10.94
N TYR B 137 10.82 -44.40 -9.95
CA TYR B 137 12.08 -43.65 -9.95
C TYR B 137 13.18 -44.44 -9.27
N ASP B 138 14.41 -44.01 -9.52
CA ASP B 138 15.61 -44.67 -9.00
C ASP B 138 16.21 -43.95 -7.81
N VAL B 139 16.06 -42.63 -7.78
CA VAL B 139 16.72 -41.79 -6.79
C VAL B 139 15.69 -40.87 -6.12
N ASP B 140 15.70 -40.88 -4.80
CA ASP B 140 14.84 -40.04 -3.97
C ASP B 140 15.58 -39.81 -2.67
N ASP B 141 16.24 -38.67 -2.55
CA ASP B 141 17.04 -38.38 -1.36
C ASP B 141 17.20 -36.88 -1.19
N GLU B 142 18.08 -36.45 -0.30
CA GLU B 142 18.23 -35.03 -0.03
C GLU B 142 18.62 -34.25 -1.29
N SER B 143 19.36 -34.90 -2.19
CA SER B 143 19.80 -34.26 -3.44
C SER B 143 18.69 -34.01 -4.45
N THR B 144 17.52 -34.64 -4.27
CA THR B 144 16.40 -34.44 -5.19
C THR B 144 15.31 -33.52 -4.63
N VAL B 145 15.53 -32.97 -3.43
CA VAL B 145 14.66 -31.93 -2.91
C VAL B 145 15.06 -30.61 -3.55
N ILE B 146 14.07 -29.90 -4.08
CA ILE B 146 14.29 -28.59 -4.69
C ILE B 146 13.38 -27.57 -4.01
N THR B 147 13.97 -26.67 -3.24
CA THR B 147 13.22 -25.58 -2.63
C THR B 147 13.28 -24.34 -3.51
N LEU B 148 12.13 -23.67 -3.64
CA LEU B 148 12.02 -22.40 -4.34
C LEU B 148 11.66 -21.34 -3.31
N ALA B 149 12.51 -20.31 -3.23
CA ALA B 149 12.39 -19.29 -2.20
C ALA B 149 12.52 -17.88 -2.75
N ASP B 150 11.70 -16.98 -2.23
CA ASP B 150 11.89 -15.55 -2.44
C ASP B 150 12.83 -15.01 -1.37
N TRP B 151 13.72 -14.10 -1.76
CA TRP B 151 14.68 -13.52 -0.84
C TRP B 151 14.65 -12.00 -0.94
N TYR B 152 14.70 -11.35 0.21
CA TYR B 152 14.57 -9.90 0.32
C TYR B 152 15.84 -9.31 0.88
N HIS B 153 16.30 -8.21 0.29
CA HIS B 153 17.45 -7.50 0.82
C HIS B 153 17.11 -6.70 2.08
N THR B 154 15.84 -6.35 2.22
CA THR B 154 15.35 -5.61 3.37
C THR B 154 14.70 -6.57 4.37
N LEU B 155 15.04 -6.40 5.65
CA LEU B 155 14.43 -7.18 6.73
C LEU B 155 12.90 -7.01 6.73
N ALA B 156 12.19 -8.10 7.03
CA ALA B 156 10.73 -8.15 6.94
C ALA B 156 10.04 -7.02 7.69
N ARG B 157 10.53 -6.72 8.88
CA ARG B 157 9.92 -5.68 9.73
C ARG B 157 10.39 -4.27 9.39
N GLN B 158 11.36 -4.17 8.47
CA GLN B 158 11.88 -2.88 8.03
C GLN B 158 11.40 -2.51 6.63
N ILE B 159 10.60 -3.37 6.00
CA ILE B 159 9.98 -3.05 4.72
C ILE B 159 8.88 -2.02 4.94
N VAL B 160 8.88 -0.98 4.11
CA VAL B 160 7.83 0.02 4.12
C VAL B 160 7.07 -0.06 2.80
N GLY B 161 5.75 -0.14 2.89
CA GLY B 161 4.91 -0.30 1.72
C GLY B 161 4.88 -1.75 1.28
N VAL B 162 4.78 -1.96 -0.03
CA VAL B 162 4.60 -3.30 -0.59
C VAL B 162 5.93 -4.04 -0.68
N ALA B 163 5.99 -5.24 -0.11
CA ALA B 163 7.18 -6.07 -0.19
C ALA B 163 7.30 -6.69 -1.59
N ILE B 164 8.49 -6.58 -2.18
CA ILE B 164 8.77 -7.16 -3.49
C ILE B 164 10.09 -7.94 -3.39
N ALA B 165 10.02 -9.23 -3.66
CA ALA B 165 11.21 -10.09 -3.58
C ALA B 165 12.33 -9.58 -4.48
N ASP B 166 13.55 -9.62 -3.97
CA ASP B 166 14.73 -9.21 -4.72
C ASP B 166 15.33 -10.32 -5.57
N THR B 167 15.32 -11.54 -5.05
CA THR B 167 16.03 -12.65 -5.69
C THR B 167 15.30 -13.97 -5.47
N THR B 168 15.29 -14.79 -6.51
CA THR B 168 14.81 -16.16 -6.41
C THR B 168 15.99 -17.04 -6.03
N LEU B 169 15.82 -17.83 -4.97
CA LEU B 169 16.82 -18.78 -4.53
C LEU B 169 16.29 -20.19 -4.72
N ILE B 170 17.07 -21.01 -5.40
CA ILE B 170 16.78 -22.42 -5.62
C ILE B 170 17.78 -23.20 -4.79
N ASN B 171 17.30 -24.02 -3.87
CA ASN B 171 18.17 -24.68 -2.90
C ASN B 171 19.14 -23.69 -2.23
N GLY B 172 18.59 -22.52 -1.91
CA GLY B 172 19.34 -21.49 -1.20
C GLY B 172 20.27 -20.63 -2.02
N LEU B 173 20.33 -20.86 -3.34
CA LEU B 173 21.29 -20.17 -4.21
C LEU B 173 20.60 -19.50 -5.39
N GLY B 174 21.08 -18.32 -5.76
CA GLY B 174 20.54 -17.62 -6.90
C GLY B 174 21.23 -16.29 -7.13
N ARG B 175 21.06 -15.77 -8.34
CA ARG B 175 21.65 -14.50 -8.73
C ARG B 175 20.65 -13.38 -8.65
N ASN B 176 21.08 -12.24 -8.13
CA ASN B 176 20.31 -11.02 -8.18
C ASN B 176 20.63 -10.29 -9.46
N THR B 177 19.63 -9.64 -10.04
CA THR B 177 19.79 -8.91 -11.28
C THR B 177 20.91 -7.84 -11.23
N ASN B 178 21.12 -7.25 -10.05
CA ASN B 178 22.16 -6.24 -9.83
C ASN B 178 23.30 -6.73 -8.94
N GLY B 179 23.44 -8.03 -8.81
CA GLY B 179 24.40 -8.63 -7.90
C GLY B 179 25.56 -9.32 -8.59
N PRO B 180 26.51 -9.84 -7.79
CA PRO B 180 27.59 -10.67 -8.31
C PRO B 180 27.06 -11.83 -9.15
N ALA B 181 27.76 -12.16 -10.23
CA ALA B 181 27.35 -13.26 -11.10
C ALA B 181 28.32 -14.44 -11.01
N ASP B 182 29.31 -14.35 -10.13
CA ASP B 182 30.45 -15.28 -10.14
C ASP B 182 30.34 -16.48 -9.19
N ALA B 183 29.39 -16.45 -8.27
CA ALA B 183 29.17 -17.59 -7.38
C ALA B 183 28.51 -18.74 -8.13
N ALA B 184 28.65 -19.95 -7.61
CA ALA B 184 27.97 -21.11 -8.19
C ALA B 184 26.46 -20.99 -8.01
N LEU B 185 25.72 -21.35 -9.06
CA LEU B 185 24.27 -21.54 -8.97
C LEU B 185 24.00 -22.90 -8.34
N ALA B 186 22.76 -23.16 -7.96
CA ALA B 186 22.39 -24.50 -7.49
C ALA B 186 22.47 -25.48 -8.65
N VAL B 187 22.97 -26.68 -8.35
CA VAL B 187 23.11 -27.75 -9.34
C VAL B 187 22.34 -28.97 -8.86
N ILE B 188 21.51 -29.51 -9.75
CA ILE B 188 20.85 -30.79 -9.56
C ILE B 188 21.62 -31.80 -10.40
N ASN B 189 22.22 -32.78 -9.73
CA ASN B 189 23.06 -33.77 -10.39
C ASN B 189 22.28 -35.02 -10.76
N VAL B 190 22.33 -35.39 -12.04
CA VAL B 190 21.69 -36.60 -12.53
C VAL B 190 22.65 -37.42 -13.37
N GLU B 191 22.29 -38.69 -13.59
CA GLU B 191 23.03 -39.58 -14.47
C GLU B 191 22.09 -40.06 -15.57
N ALA B 192 22.58 -40.06 -16.80
CA ALA B 192 21.78 -40.48 -17.95
C ALA B 192 21.14 -41.84 -17.70
N GLY B 193 19.85 -41.95 -17.99
CA GLY B 193 19.13 -43.22 -17.87
C GLY B 193 18.43 -43.44 -16.54
N LYS B 194 18.78 -42.66 -15.53
CA LYS B 194 18.14 -42.77 -14.22
C LYS B 194 16.95 -41.82 -14.11
N ARG B 195 16.06 -42.15 -13.17
CA ARG B 195 14.86 -41.37 -12.93
C ARG B 195 14.88 -40.86 -11.49
N TYR B 196 14.40 -39.63 -11.32
CA TYR B 196 14.57 -38.88 -10.06
C TYR B 196 13.24 -38.38 -9.58
N ARG B 197 12.94 -38.62 -8.29
CA ARG B 197 11.78 -38.02 -7.67
C ARG B 197 12.15 -36.62 -7.19
N LEU B 198 11.88 -35.62 -8.03
CA LEU B 198 12.13 -34.24 -7.64
C LEU B 198 11.02 -33.81 -6.70
N ARG B 199 11.40 -33.50 -5.47
CA ARG B 199 10.45 -33.03 -4.48
C ARG B 199 10.52 -31.50 -4.46
N LEU B 200 9.58 -30.90 -5.19
CA LEU B 200 9.55 -29.47 -5.43
C LEU B 200 8.74 -28.81 -4.33
N VAL B 201 9.38 -27.91 -3.60
CA VAL B 201 8.80 -27.32 -2.41
C VAL B 201 8.86 -25.80 -2.54
N SER B 202 7.71 -25.15 -2.58
CA SER B 202 7.69 -23.70 -2.46
C SER B 202 7.77 -23.32 -1.00
N ILE B 203 8.86 -22.65 -0.63
CA ILE B 203 9.00 -22.04 0.69
C ILE B 203 8.86 -20.52 0.59
N SER B 204 8.07 -20.09 -0.39
CA SER B 204 7.88 -18.67 -0.70
C SER B 204 7.03 -17.96 0.35
N CYS B 205 7.42 -16.72 0.64
CA CYS B 205 6.59 -15.78 1.40
C CYS B 205 5.57 -15.06 0.54
N ASP B 206 5.68 -15.14 -0.79
CA ASP B 206 4.82 -14.34 -1.65
C ASP B 206 4.72 -14.90 -3.08
N PRO B 207 5.75 -14.72 -3.93
CA PRO B 207 5.54 -15.07 -5.33
C PRO B 207 5.25 -16.54 -5.60
N ASN B 208 4.51 -16.76 -6.68
CA ASN B 208 4.41 -18.08 -7.29
C ASN B 208 5.47 -18.18 -8.38
N TYR B 209 5.85 -19.41 -8.71
CA TYR B 209 6.90 -19.66 -9.69
C TYR B 209 6.41 -20.61 -10.78
N VAL B 210 6.73 -20.29 -12.03
CA VAL B 210 6.55 -21.24 -13.11
C VAL B 210 7.88 -21.99 -13.25
N PHE B 211 7.83 -23.28 -12.91
CA PHE B 211 9.00 -24.15 -12.86
C PHE B 211 9.07 -25.01 -14.11
N SER B 212 10.24 -25.05 -14.72
CA SER B 212 10.48 -25.92 -15.87
C SER B 212 11.96 -26.26 -15.95
N ILE B 213 12.26 -27.27 -16.75
CA ILE B 213 13.64 -27.63 -17.03
C ILE B 213 13.75 -27.80 -18.53
N ASP B 214 14.67 -27.06 -19.14
CA ASP B 214 14.82 -27.10 -20.60
C ASP B 214 14.99 -28.53 -21.08
N ASN B 215 14.26 -28.87 -22.15
CA ASN B 215 14.34 -30.16 -22.83
C ASN B 215 13.86 -31.37 -22.04
N HIS B 216 13.31 -31.14 -20.86
CA HIS B 216 12.80 -32.21 -20.02
C HIS B 216 11.35 -31.96 -19.66
N ASP B 217 10.66 -33.03 -19.27
CA ASP B 217 9.32 -32.92 -18.73
C ASP B 217 9.21 -33.78 -17.48
N PHE B 218 8.00 -33.90 -16.94
CA PHE B 218 7.79 -34.55 -15.65
C PHE B 218 6.53 -35.37 -15.63
N ASN B 219 6.49 -36.32 -14.70
CA ASN B 219 5.23 -36.91 -14.27
C ASN B 219 5.00 -36.57 -12.81
N ILE B 220 3.95 -35.80 -12.55
CA ILE B 220 3.59 -35.44 -11.19
C ILE B 220 2.94 -36.64 -10.51
N ILE B 221 3.49 -37.03 -9.35
CA ILE B 221 3.00 -38.20 -8.62
C ILE B 221 2.52 -37.89 -7.20
N GLU B 222 2.68 -36.64 -6.76
CA GLU B 222 2.28 -36.23 -5.41
C GLU B 222 1.96 -34.74 -5.43
N VAL B 223 0.91 -34.37 -4.69
CA VAL B 223 0.44 -33.00 -4.59
C VAL B 223 0.22 -32.68 -3.11
N ASP B 224 1.01 -31.77 -2.54
CA ASP B 224 0.85 -31.37 -1.15
C ASP B 224 0.68 -32.57 -0.20
N GLY B 225 1.51 -33.61 -0.37
CA GLY B 225 1.45 -34.80 0.48
C GLY B 225 0.53 -35.92 -0.01
N VAL B 226 -0.32 -35.64 -0.97
CA VAL B 226 -1.31 -36.60 -1.45
C VAL B 226 -0.83 -37.25 -2.74
N ASN B 227 -0.77 -38.58 -2.74
CA ASN B 227 -0.39 -39.33 -3.94
C ASN B 227 -1.38 -39.08 -5.07
N SER B 228 -0.86 -38.78 -6.25
CA SER B 228 -1.69 -38.56 -7.42
C SER B 228 -1.46 -39.65 -8.45
N LYS B 229 -2.42 -39.78 -9.36
CA LYS B 229 -2.18 -40.50 -10.61
C LYS B 229 -1.05 -39.76 -11.32
N PRO B 230 -0.11 -40.48 -11.96
CA PRO B 230 0.94 -39.73 -12.65
C PRO B 230 0.39 -38.84 -13.75
N LEU B 231 0.74 -37.55 -13.71
CA LEU B 231 0.27 -36.57 -14.69
C LEU B 231 1.45 -35.98 -15.44
N ASN B 232 1.46 -36.16 -16.76
CA ASN B 232 2.55 -35.69 -17.60
C ASN B 232 2.41 -34.20 -17.88
N VAL B 233 3.41 -33.42 -17.47
CA VAL B 233 3.42 -31.97 -17.68
C VAL B 233 4.82 -31.52 -18.07
N ASP B 234 4.93 -30.37 -18.73
CA ASP B 234 6.25 -29.80 -19.05
C ASP B 234 6.52 -28.45 -18.37
N SER B 235 5.60 -27.98 -17.53
CA SER B 235 5.82 -26.81 -16.69
C SER B 235 4.86 -26.90 -15.51
N ILE B 236 5.27 -26.31 -14.38
CA ILE B 236 4.51 -26.41 -13.14
C ILE B 236 4.50 -25.04 -12.47
N GLN B 237 3.33 -24.41 -12.41
CA GLN B 237 3.19 -23.17 -11.65
C GLN B 237 2.90 -23.56 -10.21
N ILE B 238 3.76 -23.12 -9.30
CA ILE B 238 3.71 -23.53 -7.90
C ILE B 238 3.55 -22.31 -7.00
N PHE B 239 2.48 -22.32 -6.21
CA PHE B 239 2.11 -21.19 -5.35
C PHE B 239 2.69 -21.38 -3.96
N ALA B 240 2.71 -20.30 -3.19
CA ALA B 240 3.39 -20.27 -1.89
C ALA B 240 2.92 -21.43 -1.01
N GLY B 241 3.87 -22.27 -0.61
CA GLY B 241 3.61 -23.37 0.29
C GLY B 241 3.12 -24.68 -0.31
N GLN B 242 2.92 -24.70 -1.64
CA GLN B 242 2.58 -25.93 -2.35
C GLN B 242 3.80 -26.82 -2.54
N ARG B 243 3.55 -28.11 -2.71
CA ARG B 243 4.58 -29.10 -3.02
C ARG B 243 4.10 -30.04 -4.11
N TYR B 244 5.05 -30.46 -4.95
CA TYR B 244 4.81 -31.52 -5.92
C TYR B 244 5.99 -32.47 -5.92
N SER B 245 5.73 -33.77 -6.07
CA SER B 245 6.79 -34.68 -6.51
C SER B 245 6.62 -34.81 -8.01
N ALA B 246 7.71 -34.55 -8.73
CA ALA B 246 7.75 -34.58 -10.17
C ALA B 246 8.86 -35.54 -10.58
N VAL B 247 8.50 -36.66 -11.19
CA VAL B 247 9.49 -37.62 -11.63
C VAL B 247 10.13 -37.12 -12.92
N LEU B 248 11.46 -36.98 -12.89
CA LEU B 248 12.23 -36.59 -14.05
C LEU B 248 13.03 -37.77 -14.54
N ASN B 249 12.89 -38.07 -15.83
CA ASN B 249 13.69 -39.08 -16.49
C ASN B 249 14.86 -38.36 -17.14
N ALA B 250 16.08 -38.72 -16.74
CA ALA B 250 17.27 -38.13 -17.33
C ALA B 250 17.53 -38.79 -18.69
N ASN B 251 16.69 -38.42 -19.67
CA ASN B 251 16.62 -39.09 -20.98
C ASN B 251 17.13 -38.24 -22.14
N GLN B 252 17.80 -37.14 -21.82
CA GLN B 252 18.33 -36.23 -22.83
C GLN B 252 19.83 -36.45 -22.96
N PRO B 253 20.44 -35.92 -24.02
CA PRO B 253 21.89 -36.08 -24.14
C PRO B 253 22.64 -35.48 -22.95
N VAL B 254 23.75 -36.13 -22.57
CA VAL B 254 24.57 -35.66 -21.47
C VAL B 254 24.93 -34.19 -21.71
N GLY B 255 24.60 -33.34 -20.75
CA GLY B 255 24.86 -31.91 -20.84
C GLY B 255 24.33 -31.16 -19.65
N ASN B 256 24.29 -29.84 -19.78
CA ASN B 256 23.74 -28.93 -18.79
C ASN B 256 22.46 -28.32 -19.32
N TYR B 257 21.43 -28.30 -18.49
CA TYR B 257 20.12 -27.77 -18.88
C TYR B 257 19.64 -26.78 -17.83
N TRP B 258 19.09 -25.66 -18.28
CA TRP B 258 18.58 -24.66 -17.33
C TRP B 258 17.38 -25.18 -16.58
N VAL B 259 17.43 -25.04 -15.26
CA VAL B 259 16.28 -25.17 -14.38
C VAL B 259 15.76 -23.75 -14.16
N ARG B 260 14.48 -23.53 -14.45
CA ARG B 260 13.88 -22.21 -14.46
C ARG B 260 12.76 -22.11 -13.43
N ALA B 261 12.77 -21.02 -12.66
CA ALA B 261 11.73 -20.74 -11.69
C ALA B 261 11.34 -19.27 -11.82
N ASN B 262 10.33 -19.00 -12.65
CA ASN B 262 9.99 -17.63 -13.03
C ASN B 262 8.94 -17.07 -12.08
N PRO B 263 9.31 -16.04 -11.29
CA PRO B 263 8.35 -15.48 -10.35
C PRO B 263 7.30 -14.62 -11.05
N ASN B 264 6.16 -14.40 -10.38
CA ASN B 264 5.10 -13.55 -10.93
C ASN B 264 5.29 -12.08 -10.61
N LEU B 265 6.26 -11.77 -9.77
CA LEU B 265 6.56 -10.37 -9.40
C LEU B 265 8.06 -10.21 -9.18
N GLY B 266 8.49 -8.97 -8.99
CA GLY B 266 9.92 -8.67 -8.96
C GLY B 266 10.51 -8.80 -10.35
N THR B 267 11.81 -9.03 -10.43
CA THR B 267 12.48 -9.16 -11.72
C THR B 267 12.20 -10.55 -12.28
N THR B 268 11.51 -10.57 -13.42
CA THR B 268 11.12 -11.81 -14.09
C THR B 268 12.11 -12.16 -15.20
N GLY B 269 11.95 -13.35 -15.77
CA GLY B 269 12.81 -13.78 -16.85
C GLY B 269 14.14 -14.30 -16.33
N PHE B 270 15.11 -14.44 -17.24
CA PHE B 270 16.33 -15.18 -16.94
C PHE B 270 17.63 -14.52 -17.41
N THR B 271 17.57 -13.22 -17.68
CA THR B 271 18.76 -12.50 -18.12
C THR B 271 19.84 -12.59 -17.04
N GLY B 272 21.05 -12.93 -17.45
CA GLY B 272 22.18 -13.06 -16.53
C GLY B 272 22.12 -14.29 -15.64
N GLY B 273 21.21 -15.21 -15.93
CA GLY B 273 21.06 -16.43 -15.14
C GLY B 273 20.32 -16.22 -13.82
N ILE B 274 19.56 -15.14 -13.70
CA ILE B 274 18.65 -14.98 -12.56
C ILE B 274 17.52 -16.00 -12.68
N ASN B 275 16.86 -16.28 -11.56
CA ASN B 275 15.70 -17.18 -11.52
C ASN B 275 16.01 -18.56 -12.10
N SER B 276 17.25 -19.00 -11.90
CA SER B 276 17.77 -20.19 -12.56
C SER B 276 18.64 -21.05 -11.68
N ALA B 277 18.64 -22.34 -11.99
CA ALA B 277 19.59 -23.31 -11.46
C ALA B 277 20.01 -24.20 -12.62
N ILE B 278 20.80 -25.24 -12.34
CA ILE B 278 21.38 -26.07 -13.40
C ILE B 278 21.09 -27.55 -13.15
N LEU B 279 20.57 -28.22 -14.18
CA LEU B 279 20.50 -29.68 -14.21
C LEU B 279 21.74 -30.17 -14.95
N ARG B 280 22.61 -30.88 -14.24
CA ARG B 280 23.88 -31.33 -14.82
C ARG B 280 23.95 -32.85 -14.85
N TYR B 281 24.12 -33.40 -16.06
CA TYR B 281 24.36 -34.82 -16.23
C TYR B 281 25.81 -35.13 -15.89
N LYS B 282 26.03 -36.25 -15.21
CA LYS B 282 27.38 -36.76 -14.98
C LYS B 282 28.10 -36.89 -16.32
N GLY B 283 29.29 -36.30 -16.41
CA GLY B 283 30.06 -36.31 -17.65
C GLY B 283 29.98 -35.01 -18.44
N ALA B 284 29.03 -34.14 -18.07
CA ALA B 284 28.92 -32.84 -18.73
C ALA B 284 30.00 -31.90 -18.19
N PRO B 285 30.43 -30.91 -19.00
CA PRO B 285 31.32 -29.89 -18.44
C PRO B 285 30.68 -29.15 -17.28
N VAL B 286 31.51 -28.75 -16.32
CA VAL B 286 31.04 -27.89 -15.23
C VAL B 286 30.97 -26.48 -15.82
N ALA B 287 29.77 -26.11 -16.25
CA ALA B 287 29.53 -24.86 -16.95
C ALA B 287 28.05 -24.55 -16.91
N GLU B 288 27.71 -23.31 -17.25
CA GLU B 288 26.31 -22.91 -17.41
C GLU B 288 25.70 -23.57 -18.64
N PRO B 289 24.40 -23.85 -18.59
CA PRO B 289 23.69 -24.31 -19.78
C PRO B 289 23.63 -23.28 -20.89
N THR B 290 23.47 -23.76 -22.12
CA THR B 290 23.21 -22.89 -23.28
C THR B 290 21.85 -23.22 -23.89
N THR B 291 21.02 -23.94 -23.14
CA THR B 291 19.73 -24.41 -23.64
C THR B 291 18.71 -23.27 -23.66
N THR B 292 17.63 -23.48 -24.42
CA THR B 292 16.60 -22.46 -24.56
C THR B 292 15.26 -23.00 -24.08
N GLN B 293 14.46 -22.09 -23.52
CA GLN B 293 13.11 -22.41 -23.09
C GLN B 293 12.20 -22.45 -24.31
N THR B 294 11.45 -23.53 -24.44
CA THR B 294 10.42 -23.63 -25.46
C THR B 294 9.06 -23.37 -24.82
N THR B 295 8.05 -23.11 -25.64
CA THR B 295 6.69 -22.88 -25.14
C THR B 295 6.14 -24.15 -24.47
N SER B 296 5.50 -23.98 -23.31
CA SER B 296 4.93 -25.10 -22.58
C SER B 296 3.68 -25.62 -23.29
N THR B 297 3.73 -26.87 -23.72
CA THR B 297 2.64 -27.50 -24.46
C THR B 297 1.67 -28.23 -23.53
N LYS B 298 2.17 -28.66 -22.36
CA LYS B 298 1.37 -29.38 -21.38
C LYS B 298 1.61 -28.81 -19.97
N PRO B 299 1.23 -27.54 -19.78
CA PRO B 299 1.39 -26.98 -18.43
C PRO B 299 0.48 -27.69 -17.45
N LEU B 300 0.92 -27.80 -16.19
CA LEU B 300 0.06 -28.33 -15.14
C LEU B 300 -1.20 -27.47 -15.06
N GLN B 301 -2.34 -28.14 -15.03
CA GLN B 301 -3.62 -27.52 -14.69
C GLN B 301 -4.19 -28.33 -13.54
N GLU B 302 -4.57 -27.65 -12.47
CA GLU B 302 -4.99 -28.32 -11.26
C GLU B 302 -6.15 -29.30 -11.47
N PRO B 303 -7.15 -28.93 -12.29
CA PRO B 303 -8.24 -29.90 -12.52
C PRO B 303 -7.83 -31.22 -13.19
N ASN B 304 -6.66 -31.26 -13.82
CA ASN B 304 -6.15 -32.52 -14.40
C ASN B 304 -5.54 -33.47 -13.36
N LEU B 305 -5.25 -32.96 -12.16
CA LEU B 305 -4.71 -33.79 -11.09
C LEU B 305 -5.80 -34.66 -10.47
N ARG B 306 -5.48 -35.93 -10.22
CA ARG B 306 -6.42 -36.92 -9.67
C ARG B 306 -5.72 -37.65 -8.53
N PRO B 307 -6.43 -37.89 -7.41
CA PRO B 307 -5.81 -38.74 -6.39
C PRO B 307 -5.52 -40.16 -6.90
N LEU B 308 -4.40 -40.72 -6.47
CA LEU B 308 -4.03 -42.09 -6.85
C LEU B 308 -5.07 -43.09 -6.37
N VAL B 309 -5.47 -42.95 -5.11
CA VAL B 309 -6.45 -43.80 -4.46
C VAL B 309 -7.76 -43.03 -4.40
N SER B 310 -8.88 -43.72 -4.55
CA SER B 310 -10.18 -43.09 -4.47
C SER B 310 -10.33 -42.34 -3.15
N MET B 311 -10.63 -41.05 -3.24
CA MET B 311 -10.89 -40.23 -2.07
C MET B 311 -12.21 -39.52 -2.30
N PRO B 312 -13.32 -40.18 -1.94
CA PRO B 312 -14.64 -39.63 -2.21
C PRO B 312 -14.85 -38.24 -1.63
N VAL B 313 -15.51 -37.39 -2.40
CA VAL B 313 -15.79 -36.02 -2.00
C VAL B 313 -16.89 -36.05 -0.93
N PRO B 314 -16.68 -35.36 0.21
CA PRO B 314 -17.74 -35.37 1.21
C PRO B 314 -18.97 -34.60 0.74
N GLY B 315 -20.13 -35.00 1.24
CA GLY B 315 -21.38 -34.36 0.88
C GLY B 315 -21.93 -34.90 -0.43
N SER B 316 -22.88 -34.16 -1.01
CA SER B 316 -23.54 -34.56 -2.24
C SER B 316 -23.01 -33.74 -3.41
N ALA B 317 -23.20 -34.26 -4.62
CA ALA B 317 -22.60 -33.69 -5.81
C ALA B 317 -23.36 -32.50 -6.37
N THR B 318 -23.46 -31.44 -5.57
CA THR B 318 -24.12 -30.20 -5.97
C THR B 318 -23.63 -29.07 -5.06
N PRO B 319 -23.62 -27.81 -5.56
CA PRO B 319 -23.18 -26.71 -4.69
C PRO B 319 -24.00 -26.58 -3.41
N GLY B 320 -23.31 -26.41 -2.28
CA GLY B 320 -23.95 -26.35 -0.98
C GLY B 320 -24.43 -27.68 -0.44
N GLY B 321 -24.08 -28.77 -1.13
CA GLY B 321 -24.51 -30.12 -0.73
C GLY B 321 -23.70 -30.69 0.41
N VAL B 322 -23.68 -29.97 1.53
CA VAL B 322 -22.92 -30.35 2.71
C VAL B 322 -23.69 -29.92 3.95
N ASP B 323 -23.20 -30.29 5.12
CA ASP B 323 -23.82 -29.88 6.38
C ASP B 323 -23.67 -28.38 6.65
N VAL B 324 -22.47 -27.84 6.35
CA VAL B 324 -22.13 -26.47 6.67
C VAL B 324 -21.46 -25.77 5.48
N VAL B 325 -22.06 -24.68 5.03
CA VAL B 325 -21.51 -23.87 3.95
C VAL B 325 -21.04 -22.52 4.49
N HIS B 326 -19.82 -22.13 4.14
CA HIS B 326 -19.35 -20.77 4.37
C HIS B 326 -18.84 -20.19 3.06
N ASN B 327 -19.62 -19.30 2.46
CA ASN B 327 -19.19 -18.57 1.28
C ASN B 327 -18.43 -17.34 1.77
N LEU B 328 -17.11 -17.48 1.86
CA LEU B 328 -16.28 -16.47 2.47
C LEU B 328 -16.12 -15.27 1.55
N ILE B 329 -16.30 -14.08 2.10
CA ILE B 329 -16.15 -12.84 1.36
C ILE B 329 -14.75 -12.31 1.60
N LEU B 330 -13.91 -12.37 0.56
CA LEU B 330 -12.52 -11.95 0.65
C LEU B 330 -12.42 -10.53 0.13
N GLY B 331 -11.91 -9.62 0.97
CA GLY B 331 -11.85 -8.20 0.61
C GLY B 331 -10.64 -7.49 1.16
N PHE B 332 -10.59 -6.19 0.94
CA PHE B 332 -9.52 -5.33 1.41
C PHE B 332 -10.07 -3.94 1.65
N SER B 333 -9.86 -3.41 2.86
CA SER B 333 -10.32 -2.08 3.22
C SER B 333 -9.53 -1.53 4.42
N ALA B 334 -9.40 -0.21 4.49
CA ALA B 334 -8.67 0.47 5.56
C ALA B 334 -7.28 -0.12 5.79
N GLY B 335 -6.58 -0.43 4.69
CA GLY B 335 -5.22 -0.94 4.74
C GLY B 335 -5.06 -2.41 5.14
N LYS B 336 -6.18 -3.11 5.28
CA LYS B 336 -6.17 -4.47 5.79
C LYS B 336 -6.96 -5.40 4.89
N PHE B 337 -6.47 -6.63 4.77
CA PHE B 337 -7.25 -7.69 4.14
C PHE B 337 -8.33 -8.16 5.11
N THR B 338 -9.46 -8.58 4.56
CA THR B 338 -10.60 -8.99 5.38
C THR B 338 -11.23 -10.30 4.87
N ILE B 339 -11.75 -11.06 5.80
CA ILE B 339 -12.58 -12.22 5.50
C ILE B 339 -13.91 -11.98 6.23
N ASN B 340 -15.00 -11.96 5.46
CA ASN B 340 -16.32 -11.60 5.99
C ASN B 340 -16.27 -10.29 6.80
N GLY B 341 -15.54 -9.31 6.28
CA GLY B 341 -15.49 -7.97 6.88
C GLY B 341 -14.49 -7.78 8.01
N ALA B 342 -13.83 -8.86 8.44
CA ALA B 342 -12.94 -8.82 9.59
C ALA B 342 -11.48 -9.07 9.20
N ALA B 343 -10.58 -8.20 9.67
CA ALA B 343 -9.15 -8.38 9.50
C ALA B 343 -8.62 -9.04 10.76
N PHE B 344 -7.87 -10.14 10.60
CA PHE B 344 -7.31 -10.85 11.73
C PHE B 344 -6.18 -10.06 12.40
N THR B 345 -6.27 -9.90 13.72
CA THR B 345 -5.17 -9.40 14.53
C THR B 345 -5.04 -10.39 15.69
N PRO B 346 -3.81 -10.80 16.04
CA PRO B 346 -3.70 -11.85 17.05
C PRO B 346 -4.21 -11.45 18.44
N PRO B 347 -4.89 -12.38 19.13
CA PRO B 347 -5.33 -12.11 20.50
C PRO B 347 -4.16 -12.32 21.48
N SER B 348 -4.28 -11.76 22.68
CA SER B 348 -3.22 -11.92 23.69
C SER B 348 -3.19 -13.34 24.25
N VAL B 349 -4.37 -13.95 24.36
CA VAL B 349 -4.48 -15.34 24.79
C VAL B 349 -4.70 -16.19 23.55
N PRO B 350 -3.80 -17.16 23.30
CA PRO B 350 -3.98 -18.00 22.12
C PRO B 350 -5.35 -18.64 22.08
N VAL B 351 -5.94 -18.75 20.89
CA VAL B 351 -7.29 -19.28 20.76
C VAL B 351 -7.43 -20.64 21.43
N LEU B 352 -6.44 -21.52 21.27
CA LEU B 352 -6.49 -22.83 21.92
C LEU B 352 -6.57 -22.70 23.44
N LEU B 353 -5.77 -21.80 24.00
CA LEU B 353 -5.77 -21.60 25.45
C LEU B 353 -7.09 -21.02 25.93
N GLN B 354 -7.69 -20.11 25.16
CA GLN B 354 -9.03 -19.60 25.49
C GLN B 354 -10.00 -20.76 25.68
N ILE B 355 -10.02 -21.67 24.71
CA ILE B 355 -10.92 -22.82 24.73
C ILE B 355 -10.60 -23.74 25.90
N LEU B 356 -9.33 -24.12 26.05
CA LEU B 356 -8.92 -25.03 27.11
C LEU B 356 -9.18 -24.47 28.51
N SER B 357 -9.07 -23.16 28.67
CA SER B 357 -9.33 -22.52 29.96
C SER B 357 -10.83 -22.38 30.27
N GLY B 358 -11.69 -22.67 29.31
CA GLY B 358 -13.14 -22.76 29.55
C GLY B 358 -14.05 -21.91 28.68
N THR B 359 -13.48 -21.13 27.75
CA THR B 359 -14.29 -20.32 26.84
C THR B 359 -14.78 -21.19 25.68
N THR B 360 -16.01 -21.68 25.79
CA THR B 360 -16.59 -22.57 24.79
C THR B 360 -17.80 -21.99 24.06
N ASN B 361 -18.23 -20.79 24.45
CA ASN B 361 -19.28 -20.07 23.72
C ASN B 361 -18.67 -19.36 22.51
N ALA B 362 -19.21 -19.64 21.33
CA ALA B 362 -18.67 -19.09 20.08
C ALA B 362 -18.50 -17.57 20.12
N GLN B 363 -19.50 -16.88 20.67
CA GLN B 363 -19.50 -15.42 20.73
C GLN B 363 -18.40 -14.83 21.60
N ASP B 364 -17.85 -15.63 22.52
CA ASP B 364 -16.85 -15.16 23.47
C ASP B 364 -15.40 -15.36 23.00
N LEU B 365 -15.20 -16.10 21.92
CA LEU B 365 -13.85 -16.37 21.42
C LEU B 365 -13.28 -15.13 20.75
N LEU B 366 -11.99 -14.88 20.98
CA LEU B 366 -11.29 -13.72 20.46
C LEU B 366 -10.23 -14.17 19.45
N PRO B 367 -9.98 -13.36 18.40
CA PRO B 367 -10.56 -12.03 18.16
C PRO B 367 -12.00 -12.09 17.64
N SER B 368 -12.85 -11.22 18.18
CA SER B 368 -14.24 -11.15 17.75
C SER B 368 -14.32 -10.83 16.25
N GLY B 369 -15.14 -11.60 15.54
CA GLY B 369 -15.28 -11.44 14.09
C GLY B 369 -14.35 -12.30 13.26
N SER B 370 -13.30 -12.87 13.88
CA SER B 370 -12.29 -13.64 13.16
C SER B 370 -12.21 -15.10 13.61
N VAL B 371 -13.19 -15.56 14.39
CA VAL B 371 -13.27 -16.96 14.78
C VAL B 371 -14.64 -17.51 14.36
N ILE B 372 -14.62 -18.53 13.52
CA ILE B 372 -15.83 -19.21 13.09
C ILE B 372 -15.81 -20.62 13.68
N THR B 373 -16.80 -20.96 14.50
CA THR B 373 -16.86 -22.30 15.05
C THR B 373 -17.43 -23.24 14.00
N LEU B 374 -16.89 -24.46 13.95
CA LEU B 374 -17.43 -25.52 13.10
C LEU B 374 -17.83 -26.69 13.98
N PRO B 375 -19.03 -27.26 13.75
CA PRO B 375 -19.39 -28.45 14.51
C PRO B 375 -18.58 -29.66 14.08
N ILE B 376 -18.27 -30.54 15.01
CA ILE B 376 -17.49 -31.75 14.73
C ILE B 376 -18.33 -32.79 13.99
N GLY B 377 -17.67 -33.59 13.15
CA GLY B 377 -18.32 -34.71 12.46
C GLY B 377 -19.24 -34.29 11.33
N LYS B 378 -18.95 -33.16 10.70
CA LYS B 378 -19.81 -32.62 9.65
C LYS B 378 -19.03 -32.32 8.37
N THR B 379 -19.75 -32.29 7.25
CA THR B 379 -19.15 -31.96 5.97
C THR B 379 -19.20 -30.45 5.76
N ILE B 380 -18.09 -29.88 5.30
CA ILE B 380 -17.92 -28.45 5.17
C ILE B 380 -17.64 -28.09 3.72
N GLU B 381 -18.27 -27.02 3.24
CA GLU B 381 -17.90 -26.42 1.97
C GLU B 381 -17.55 -24.96 2.16
N LEU B 382 -16.38 -24.57 1.68
CA LEU B 382 -15.96 -23.17 1.67
C LEU B 382 -15.83 -22.72 0.22
N THR B 383 -16.33 -21.53 -0.08
CA THR B 383 -15.97 -20.87 -1.33
C THR B 383 -15.12 -19.65 -1.02
N LEU B 384 -14.23 -19.33 -1.95
CA LEU B 384 -13.20 -18.32 -1.78
C LEU B 384 -13.16 -17.43 -3.02
N ALA B 385 -14.32 -16.87 -3.38
CA ALA B 385 -14.45 -16.12 -4.62
C ALA B 385 -13.43 -14.99 -4.68
N ALA B 386 -12.70 -14.93 -5.79
CA ALA B 386 -11.59 -14.01 -5.94
C ALA B 386 -12.03 -12.69 -6.59
N GLY B 387 -11.08 -11.79 -6.78
CA GLY B 387 -11.34 -10.45 -7.29
C GLY B 387 -10.64 -9.40 -6.43
N VAL B 388 -10.53 -9.69 -5.14
CA VAL B 388 -9.80 -8.82 -4.21
C VAL B 388 -8.36 -8.58 -4.68
N LEU B 389 -7.89 -7.35 -4.53
CA LEU B 389 -6.56 -6.94 -5.00
C LEU B 389 -5.44 -7.76 -4.37
N GLY B 390 -4.26 -7.69 -4.99
CA GLY B 390 -3.05 -8.32 -4.46
C GLY B 390 -2.90 -9.80 -4.80
N GLY B 391 -3.80 -10.31 -5.64
CA GLY B 391 -3.79 -11.72 -6.01
C GLY B 391 -2.75 -12.06 -7.07
N PRO B 392 -2.66 -13.35 -7.44
CA PRO B 392 -3.54 -14.44 -6.99
C PRO B 392 -3.15 -14.97 -5.60
N HIS B 393 -4.16 -15.11 -4.73
CA HIS B 393 -3.96 -15.46 -3.33
C HIS B 393 -4.04 -16.98 -3.12
N PRO B 394 -2.93 -17.60 -2.67
CA PRO B 394 -2.98 -19.03 -2.38
C PRO B 394 -3.43 -19.29 -0.94
N PHE B 395 -4.62 -19.85 -0.78
CA PHE B 395 -5.19 -20.07 0.54
C PHE B 395 -4.80 -21.44 1.10
N HIS B 396 -4.58 -21.46 2.41
CA HIS B 396 -4.10 -22.63 3.12
C HIS B 396 -4.96 -22.89 4.34
N LEU B 397 -5.33 -24.15 4.55
CA LEU B 397 -6.10 -24.57 5.72
C LEU B 397 -5.22 -25.48 6.56
N HIS B 398 -5.03 -25.13 7.83
CA HIS B 398 -4.34 -25.96 8.80
C HIS B 398 -5.20 -27.14 9.24
N GLY B 399 -4.55 -28.20 9.71
CA GLY B 399 -5.24 -29.32 10.34
C GLY B 399 -5.98 -30.26 9.39
N HIS B 400 -5.87 -30.00 8.09
CA HIS B 400 -6.70 -30.70 7.10
C HIS B 400 -6.07 -30.68 5.72
N ASN B 401 -6.40 -31.69 4.92
CA ASN B 401 -6.42 -31.59 3.46
C ASN B 401 -7.85 -31.26 3.06
N PHE B 402 -8.01 -30.80 1.83
CA PHE B 402 -9.35 -30.52 1.30
C PHE B 402 -9.45 -30.91 -0.16
N HIS B 403 -10.67 -31.25 -0.57
CA HIS B 403 -10.98 -31.56 -1.95
C HIS B 403 -11.19 -30.25 -2.70
N VAL B 404 -10.46 -30.05 -3.78
CA VAL B 404 -10.63 -28.85 -4.59
C VAL B 404 -11.69 -29.15 -5.65
N VAL B 405 -12.95 -29.01 -5.25
CA VAL B 405 -14.07 -29.32 -6.15
C VAL B 405 -14.22 -28.29 -7.27
N ARG B 406 -13.67 -27.09 -7.06
CA ARG B 406 -13.61 -26.10 -8.14
C ARG B 406 -12.30 -25.30 -8.04
N SER B 407 -11.45 -25.46 -9.05
CA SER B 407 -10.18 -24.74 -9.12
C SER B 407 -10.36 -23.36 -9.76
N ALA B 408 -9.34 -22.53 -9.61
CA ALA B 408 -9.27 -21.27 -10.36
C ALA B 408 -9.26 -21.61 -11.85
N GLY B 409 -10.05 -20.89 -12.64
CA GLY B 409 -10.14 -21.12 -14.09
C GLY B 409 -11.06 -22.27 -14.49
N GLN B 410 -11.68 -22.91 -13.51
CA GLN B 410 -12.62 -24.01 -13.74
C GLN B 410 -14.03 -23.52 -13.43
N THR B 411 -14.96 -23.79 -14.33
CA THR B 411 -16.35 -23.35 -14.18
C THR B 411 -17.22 -24.42 -13.51
N THR B 412 -17.14 -25.64 -14.03
CA THR B 412 -18.00 -26.73 -13.58
C THR B 412 -17.32 -27.54 -12.48
N PRO B 413 -17.95 -27.64 -11.28
CA PRO B 413 -17.30 -28.39 -10.21
C PRO B 413 -17.14 -29.88 -10.48
N ASN B 414 -16.13 -30.48 -9.87
CA ASN B 414 -15.89 -31.91 -9.94
C ASN B 414 -16.10 -32.53 -8.56
N TYR B 415 -17.19 -33.29 -8.42
CA TYR B 415 -17.49 -33.99 -7.17
C TYR B 415 -17.14 -35.48 -7.22
N VAL B 416 -16.44 -35.90 -8.26
CA VAL B 416 -16.08 -37.31 -8.44
C VAL B 416 -14.67 -37.57 -7.91
N ASP B 417 -13.67 -36.98 -8.58
CA ASP B 417 -12.27 -37.29 -8.28
C ASP B 417 -11.34 -36.08 -8.33
N PRO B 418 -11.76 -34.95 -7.70
CA PRO B 418 -10.86 -33.80 -7.66
C PRO B 418 -9.65 -34.07 -6.79
N ILE B 419 -8.55 -33.38 -7.06
CA ILE B 419 -7.37 -33.50 -6.22
C ILE B 419 -7.68 -33.02 -4.80
N VAL B 420 -6.96 -33.60 -3.85
CA VAL B 420 -7.00 -33.26 -2.46
C VAL B 420 -5.64 -32.65 -2.13
N ARG B 421 -5.61 -31.50 -1.47
CA ARG B 421 -4.34 -30.82 -1.18
C ARG B 421 -4.51 -29.85 0.00
N ASP B 422 -3.51 -29.03 0.29
CA ASP B 422 -3.63 -28.10 1.43
C ASP B 422 -3.37 -26.62 1.14
N VAL B 423 -2.87 -26.27 -0.04
CA VAL B 423 -2.79 -24.88 -0.49
C VAL B 423 -3.40 -24.79 -1.88
N VAL B 424 -4.31 -23.83 -2.08
CA VAL B 424 -5.01 -23.69 -3.36
C VAL B 424 -4.99 -22.25 -3.85
N ASN B 425 -4.61 -22.07 -5.12
CA ASN B 425 -4.70 -20.77 -5.76
C ASN B 425 -6.16 -20.36 -5.92
N THR B 426 -6.54 -19.20 -5.39
CA THR B 426 -7.91 -18.70 -5.53
C THR B 426 -8.13 -17.91 -6.82
N GLY B 427 -7.05 -17.54 -7.51
CA GLY B 427 -7.16 -16.96 -8.85
C GLY B 427 -7.52 -15.49 -8.86
N GLY B 428 -8.48 -15.12 -9.71
CA GLY B 428 -8.83 -13.72 -9.91
C GLY B 428 -10.30 -13.52 -10.18
N THR B 429 -10.65 -12.33 -10.64
CA THR B 429 -12.04 -11.98 -10.95
C THR B 429 -12.69 -13.07 -11.79
N GLY B 430 -13.85 -13.53 -11.36
CA GLY B 430 -14.59 -14.58 -12.07
C GLY B 430 -14.38 -15.97 -11.49
N ASP B 431 -13.32 -16.15 -10.71
CA ASP B 431 -13.07 -17.45 -10.10
C ASP B 431 -13.87 -17.60 -8.81
N ASN B 432 -14.23 -18.84 -8.51
CA ASN B 432 -14.98 -19.14 -7.30
C ASN B 432 -14.52 -20.47 -6.75
N VAL B 433 -13.26 -20.48 -6.31
CA VAL B 433 -12.64 -21.68 -5.80
C VAL B 433 -13.44 -22.25 -4.64
N THR B 434 -13.69 -23.55 -4.71
CA THR B 434 -14.55 -24.24 -3.77
C THR B 434 -13.81 -25.46 -3.22
N ILE B 435 -13.77 -25.57 -1.89
CA ILE B 435 -13.08 -26.67 -1.24
C ILE B 435 -13.99 -27.32 -0.21
N ARG B 436 -13.80 -28.62 0.00
CA ARG B 436 -14.58 -29.38 0.97
C ARG B 436 -13.68 -30.23 1.86
N PHE B 437 -14.13 -30.41 3.09
CA PHE B 437 -13.49 -31.32 4.04
C PHE B 437 -14.49 -31.73 5.09
N THR B 438 -14.12 -32.69 5.93
CA THR B 438 -14.96 -33.15 7.02
C THR B 438 -14.29 -32.77 8.34
N THR B 439 -15.08 -32.33 9.31
CA THR B 439 -14.52 -31.91 10.60
C THR B 439 -14.25 -33.13 11.48
N ASP B 440 -13.04 -33.67 11.32
CA ASP B 440 -12.59 -34.87 12.02
C ASP B 440 -11.47 -34.57 13.02
N ASN B 441 -11.29 -33.30 13.36
CA ASN B 441 -10.07 -32.84 14.02
C ASN B 441 -10.32 -31.68 14.99
N PRO B 442 -10.74 -32.01 16.23
CA PRO B 442 -11.06 -30.93 17.17
C PRO B 442 -9.87 -30.01 17.47
N GLY B 443 -10.12 -28.71 17.40
CA GLY B 443 -9.12 -27.69 17.72
C GLY B 443 -9.29 -26.48 16.83
N PRO B 444 -8.65 -25.36 17.22
CA PRO B 444 -8.65 -24.18 16.36
C PRO B 444 -7.60 -24.28 15.27
N TRP B 445 -8.02 -24.08 14.02
CA TRP B 445 -7.14 -24.18 12.87
C TRP B 445 -7.23 -22.93 12.01
N PHE B 446 -6.07 -22.40 11.61
CA PHE B 446 -5.99 -21.23 10.74
C PHE B 446 -6.44 -21.57 9.31
N LEU B 447 -7.18 -20.64 8.71
CA LEU B 447 -7.33 -20.56 7.26
C LEU B 447 -6.80 -19.18 6.87
N HIS B 448 -5.82 -19.13 5.97
CA HIS B 448 -5.25 -17.83 5.61
C HIS B 448 -4.58 -17.87 4.26
N CYS B 449 -4.38 -16.67 3.70
CA CYS B 449 -3.56 -16.54 2.51
C CYS B 449 -2.11 -16.83 2.90
N HIS B 450 -1.42 -17.65 2.10
CA HIS B 450 -0.05 -18.00 2.41
C HIS B 450 0.98 -17.00 1.88
N ILE B 451 0.52 -15.90 1.28
CA ILE B 451 1.38 -14.75 1.06
C ILE B 451 1.52 -14.11 2.44
N ASP B 452 2.70 -14.24 3.04
CA ASP B 452 2.86 -13.95 4.46
C ASP B 452 2.60 -12.48 4.78
N TRP B 453 2.89 -11.60 3.83
CA TRP B 453 2.62 -10.16 3.97
C TRP B 453 1.12 -9.92 4.13
N HIS B 454 0.30 -10.74 3.48
CA HIS B 454 -1.16 -10.61 3.54
C HIS B 454 -1.72 -11.16 4.83
N LEU B 455 -1.18 -12.27 5.30
CA LEU B 455 -1.51 -12.78 6.63
C LEU B 455 -1.27 -11.71 7.69
N GLU B 456 -0.09 -11.06 7.64
CA GLU B 456 0.25 -10.00 8.58
C GLU B 456 -0.74 -8.84 8.48
N ALA B 457 -1.22 -8.57 7.27
CA ALA B 457 -2.21 -7.51 7.03
C ALA B 457 -3.67 -7.97 7.22
N GLY B 458 -3.87 -9.15 7.81
CA GLY B 458 -5.19 -9.56 8.32
C GLY B 458 -5.93 -10.65 7.56
N PHE B 459 -5.30 -11.23 6.54
CA PHE B 459 -6.02 -12.13 5.61
C PHE B 459 -6.11 -13.56 6.17
N ALA B 460 -6.88 -13.71 7.23
CA ALA B 460 -6.98 -14.97 7.94
C ALA B 460 -8.24 -15.04 8.77
N VAL B 461 -8.70 -16.26 9.04
CA VAL B 461 -9.76 -16.52 9.99
C VAL B 461 -9.39 -17.82 10.72
N VAL B 462 -9.88 -17.97 11.95
CA VAL B 462 -9.66 -19.19 12.70
C VAL B 462 -10.95 -20.00 12.71
N PHE B 463 -10.84 -21.27 12.31
CA PHE B 463 -11.95 -22.20 12.48
C PHE B 463 -11.77 -22.93 13.80
N ALA B 464 -12.65 -22.64 14.75
CA ALA B 464 -12.67 -23.35 16.02
C ALA B 464 -13.50 -24.62 15.82
N GLU B 465 -12.81 -25.70 15.47
CA GLU B 465 -13.44 -26.95 15.08
C GLU B 465 -13.70 -27.79 16.32
N GLY B 466 -14.94 -28.23 16.50
CA GLY B 466 -15.30 -29.06 17.65
C GLY B 466 -14.85 -28.47 18.97
N VAL B 467 -15.33 -27.26 19.26
CA VAL B 467 -14.93 -26.53 20.48
C VAL B 467 -15.08 -27.38 21.73
N ASN B 468 -16.24 -28.03 21.87
CA ASN B 468 -16.51 -28.82 23.08
C ASN B 468 -15.86 -30.20 23.10
N GLN B 469 -15.15 -30.53 22.01
CA GLN B 469 -14.34 -31.76 21.95
C GLN B 469 -12.84 -31.46 22.04
N THR B 470 -12.48 -30.18 22.04
CA THR B 470 -11.09 -29.76 21.92
C THR B 470 -10.23 -30.12 23.13
N ASN B 471 -10.79 -29.95 24.33
CA ASN B 471 -10.05 -30.24 25.56
C ASN B 471 -9.70 -31.73 25.65
N ALA B 472 -10.71 -32.59 25.52
CA ALA B 472 -10.49 -34.03 25.61
C ALA B 472 -9.52 -34.53 24.52
N ALA B 473 -9.61 -33.93 23.33
CA ALA B 473 -8.82 -34.39 22.19
C ALA B 473 -7.34 -33.98 22.25
N ASN B 474 -7.06 -32.86 22.91
CA ASN B 474 -5.72 -32.25 22.86
C ASN B 474 -5.09 -32.04 24.25
N PRO B 475 -4.74 -33.13 24.94
CA PRO B 475 -3.99 -32.94 26.19
C PRO B 475 -2.67 -32.24 25.92
N THR B 476 -2.32 -31.24 26.73
CA THR B 476 -1.15 -30.42 26.48
C THR B 476 -0.01 -30.73 27.45
N PRO B 477 1.23 -30.62 26.99
CA PRO B 477 2.39 -30.87 27.84
C PRO B 477 2.75 -29.67 28.72
N ALA B 478 3.52 -29.91 29.77
CA ALA B 478 3.91 -28.88 30.71
C ALA B 478 4.60 -27.70 30.03
N ASP B 479 5.49 -27.97 29.08
CA ASP B 479 6.22 -26.86 28.45
C ASP B 479 5.27 -25.95 27.65
N TRP B 480 4.28 -26.52 26.95
CA TRP B 480 3.27 -25.71 26.28
C TRP B 480 2.50 -24.88 27.30
N ASN B 481 2.12 -25.51 28.41
CA ASN B 481 1.36 -24.84 29.48
C ASN B 481 2.03 -23.57 30.02
N ASN B 482 3.36 -23.51 29.95
CA ASN B 482 4.13 -22.40 30.51
C ASN B 482 4.55 -21.33 29.49
N LEU B 483 4.28 -21.57 28.21
CA LEU B 483 4.77 -20.66 27.16
C LEU B 483 4.25 -19.23 27.33
N CYS B 484 2.97 -19.07 27.61
CA CYS B 484 2.40 -17.72 27.71
C CYS B 484 2.92 -17.00 28.96
N ASN B 485 3.09 -17.73 30.07
CA ASN B 485 3.66 -17.12 31.26
C ASN B 485 5.05 -16.56 30.99
N ILE B 486 5.88 -17.34 30.31
CA ILE B 486 7.24 -16.91 29.98
C ILE B 486 7.22 -15.75 29.00
N TYR B 487 6.42 -15.86 27.94
CA TYR B 487 6.34 -14.84 26.90
C TYR B 487 5.84 -13.50 27.43
N ASN B 488 4.77 -13.54 28.24
CA ASN B 488 4.16 -12.32 28.77
C ASN B 488 5.05 -11.59 29.78
N ALA B 489 6.01 -12.31 30.36
CA ALA B 489 6.96 -11.73 31.32
C ALA B 489 8.13 -11.02 30.63
N LEU B 490 8.28 -11.20 29.32
CA LEU B 490 9.36 -10.56 28.56
C LEU B 490 9.19 -9.05 28.52
N ALA B 491 10.31 -8.33 28.59
CA ALA B 491 10.32 -6.92 28.27
C ALA B 491 10.04 -6.76 26.78
N ASP B 492 9.45 -5.63 26.38
CA ASP B 492 9.09 -5.39 24.99
C ASP B 492 10.28 -5.55 24.05
N GLY B 493 11.45 -5.09 24.49
CA GLY B 493 12.68 -5.16 23.69
C GLY B 493 13.22 -6.58 23.49
N ASP B 494 12.71 -7.55 24.24
CA ASP B 494 13.16 -8.93 24.13
C ASP B 494 12.13 -9.82 23.43
N LYS B 495 11.07 -9.22 22.90
CA LYS B 495 10.06 -9.96 22.14
C LYS B 495 10.50 -10.15 20.70
C1 NAG C . 13.43 18.21 14.80
C2 NAG C . 13.96 16.97 15.50
C3 NAG C . 13.43 16.86 16.92
C4 NAG C . 13.70 18.16 17.68
C5 NAG C . 13.17 19.35 16.88
C6 NAG C . 13.57 20.67 17.55
C7 NAG C . 14.51 15.03 14.09
C8 NAG C . 14.02 13.79 13.40
N2 NAG C . 13.61 15.75 14.77
O3 NAG C . 14.05 15.78 17.57
O4 NAG C . 13.08 18.12 18.95
O5 NAG C . 13.72 19.35 15.58
O6 NAG C . 12.97 21.76 16.88
O7 NAG C . 15.70 15.33 14.00
C1 NAG C . 13.99 17.84 20.03
C2 NAG C . 13.40 18.41 21.30
C3 NAG C . 14.19 18.01 22.55
C4 NAG C . 14.55 16.54 22.54
C5 NAG C . 15.14 16.14 21.20
C6 NAG C . 15.46 14.65 21.12
C7 NAG C . 12.28 20.58 21.29
C8 NAG C . 12.45 22.07 21.22
N2 NAG C . 13.39 19.86 21.23
O3 NAG C . 13.41 18.32 23.69
O4 NAG C . 15.49 16.29 23.57
O5 NAG C . 14.21 16.45 20.17
O6 NAG C . 14.28 13.89 21.33
O7 NAG C . 11.16 20.10 21.39
C1 NAG D . -19.62 -18.94 -5.43
C2 NAG D . -20.53 -17.72 -5.55
C3 NAG D . -21.63 -17.74 -4.49
C4 NAG D . -22.35 -19.09 -4.49
C5 NAG D . -21.36 -20.24 -4.40
C6 NAG D . -22.05 -21.58 -4.54
C7 NAG D . -19.54 -15.67 -6.49
C8 NAG D . -18.76 -14.43 -6.22
N2 NAG D . -19.78 -16.49 -5.45
O3 NAG D . -22.53 -16.68 -4.75
O4 NAG D . -23.23 -19.16 -3.39
O5 NAG D . -20.38 -20.13 -5.40
O6 NAG D . -21.16 -22.64 -4.30
O7 NAG D . -19.95 -15.89 -7.63
C1 NAG D . -24.60 -18.81 -3.72
C2 NAG D . -25.49 -19.49 -2.69
C3 NAG D . -26.96 -19.06 -2.86
C4 NAG D . -27.07 -17.55 -2.93
C5 NAG D . -26.11 -17.00 -3.97
C6 NAG D . -26.14 -15.47 -4.02
C7 NAG D . -24.93 -21.73 -1.87
C8 NAG D . -24.90 -23.20 -2.18
N2 NAG D . -25.40 -20.93 -2.83
O3 NAG D . -27.70 -19.55 -1.76
O4 NAG D . -28.40 -17.20 -3.25
O5 NAG D . -24.79 -17.41 -3.67
O6 NAG D . -25.57 -14.94 -2.85
O7 NAG D . -24.54 -21.32 -0.79
C1 NAG E . -13.08 23.78 27.82
C2 NAG E . -11.91 22.83 27.99
C3 NAG E . -12.24 21.65 28.91
C4 NAG E . -12.91 22.13 30.19
C5 NAG E . -14.08 23.05 29.86
C6 NAG E . -14.76 23.60 31.11
C7 NAG E . -10.31 22.59 26.15
C8 NAG E . -10.00 21.94 24.84
N2 NAG E . -11.48 22.30 26.71
O3 NAG E . -11.05 20.97 29.19
O4 NAG E . -13.37 21.02 30.92
O5 NAG E . -13.59 24.14 29.10
O6 NAG E . -13.86 24.40 31.84
O7 NAG E . -9.47 23.35 26.65
S SO4 F . 22.09 26.17 5.90
O1 SO4 F . 21.33 26.45 7.15
O2 SO4 F . 23.50 25.83 6.24
O3 SO4 F . 22.08 27.36 5.03
O4 SO4 F . 21.45 25.03 5.20
S SO4 G . 13.21 20.01 -26.57
O1 SO4 G . 13.76 21.36 -26.36
O2 SO4 G . 14.28 19.08 -26.98
O3 SO4 G . 12.18 20.06 -27.63
O4 SO4 G . 12.57 19.54 -25.31
S SO4 H . -10.19 27.75 27.94
O1 SO4 H . -10.00 28.63 26.77
O2 SO4 H . -8.94 27.70 28.74
O3 SO4 H . -11.28 28.30 28.78
O4 SO4 H . -10.56 26.38 27.49
C1 GOL I . -16.18 10.21 2.59
O1 GOL I . -15.12 9.98 3.52
C2 GOL I . -16.44 8.96 1.76
O2 GOL I . -15.24 8.59 1.05
C3 GOL I . -17.55 9.26 0.75
O3 GOL I . -18.61 8.30 0.81
C1 GOL J . -11.93 15.42 4.24
O1 GOL J . -10.79 15.85 3.47
C2 GOL J . -11.79 13.94 4.56
O2 GOL J . -12.70 13.58 5.61
C3 GOL J . -12.08 13.12 3.31
O3 GOL J . -13.49 13.03 3.07
CU CU K . 2.20 12.93 1.21
CU CU L . -6.45 24.76 2.60
CU CU M . -5.89 22.95 -0.99
CU CU N . -7.06 20.51 3.15
O1 OXY O . -6.67 21.21 1.68
O2 OXY O . -6.50 22.29 1.21
C1 NAG P . -20.46 -26.02 23.82
C2 NAG P . -21.12 -25.06 22.82
C3 NAG P . -21.97 -23.98 23.47
C4 NAG P . -22.93 -24.60 24.49
C5 NAG P . -22.12 -25.42 25.48
C6 NAG P . -22.99 -26.06 26.56
C7 NAG P . -20.09 -24.59 20.65
C8 NAG P . -19.02 -23.88 19.88
N2 NAG P . -20.11 -24.43 21.97
O3 NAG P . -22.72 -23.30 22.48
O4 NAG P . -23.67 -23.60 25.14
O5 NAG P . -21.43 -26.44 24.79
O6 NAG P . -23.94 -26.91 25.97
O7 NAG P . -20.91 -25.28 20.04
S SO4 Q . -14.77 -26.13 -17.18
O1 SO4 Q . -13.83 -27.22 -17.55
O2 SO4 Q . -14.01 -24.89 -16.90
O3 SO4 Q . -15.53 -26.51 -15.98
O4 SO4 Q . -15.71 -25.89 -18.30
S SO4 R . 17.72 -18.02 -22.29
O1 SO4 R . 19.07 -18.11 -21.70
O2 SO4 R . 17.68 -16.88 -23.23
O3 SO4 R . 16.72 -17.82 -21.22
O4 SO4 R . 17.43 -19.28 -23.02
S SO4 S . -21.50 -29.79 21.00
O1 SO4 S . -21.77 -30.39 22.32
O2 SO4 S . -21.06 -28.38 21.17
O3 SO4 S . -20.44 -30.55 20.31
O4 SO4 S . -22.73 -29.81 20.18
C1 GOL T . 5.48 -9.91 17.88
O1 GOL T . 6.07 -8.66 18.21
C2 GOL T . 4.24 -9.70 17.00
O2 GOL T . 4.63 -9.18 15.72
C3 GOL T . 3.53 -11.04 16.82
O3 GOL T . 2.14 -10.87 16.52
C1 GOL U . 1.14 -13.78 13.46
O1 GOL U . 1.97 -13.80 14.64
C2 GOL U . -0.10 -14.63 13.66
O2 GOL U . -0.68 -14.36 14.95
C3 GOL U . 0.27 -16.10 13.57
O3 GOL U . 0.58 -16.46 12.22
CU CU V . -2.82 -12.99 -0.39
CU CU W . -0.01 -25.15 7.44
CU CU X . 2.96 -23.10 5.57
CU CU Y . -0.43 -21.00 8.44
O1 OXY Z . 0.83 -21.50 7.06
O2 OXY Z . 1.34 -22.54 6.68
#